data_9MGH
#
_entry.id   9MGH
#
_cell.length_a   1.00
_cell.length_b   1.00
_cell.length_c   1.00
_cell.angle_alpha   90.00
_cell.angle_beta   90.00
_cell.angle_gamma   90.00
#
_symmetry.space_group_name_H-M   'P 1'
#
_entity_poly.entity_id   1
_entity_poly.type   'polypeptide(L)'
_entity_poly.pdbx_seq_one_letter_code
;MAVKISGVLKDGTGKPVQNCTIQLKARRNSTTVVVNTVGSENPDEAGRYSMDVEYGQYSVILQVDGFPPSHAGTITVYED
SQPGTLNDFLCAMT
;
_entity_poly.pdbx_strand_id   Ta,Tb,Tc,Td,Te,Tf,Tg,Th,Ti,Tj,Tk,Tl
#
# COMPACT_ATOMS: atom_id res chain seq x y z
N MET A 1 -4.51 -56.78 31.76
CA MET A 1 -3.24 -57.33 31.34
C MET A 1 -2.63 -56.50 30.22
N ALA A 2 -1.56 -57.02 29.61
CA ALA A 2 -0.92 -56.39 28.47
C ALA A 2 -0.54 -57.46 27.46
N VAL A 3 -0.75 -57.16 26.18
CA VAL A 3 -0.37 -58.07 25.11
C VAL A 3 1.06 -57.75 24.69
N LYS A 4 1.86 -58.80 24.50
CA LYS A 4 3.24 -58.62 24.10
C LYS A 4 3.35 -58.52 22.58
N ILE A 5 3.97 -57.44 22.10
CA ILE A 5 4.16 -57.20 20.68
C ILE A 5 5.66 -57.21 20.42
N SER A 6 6.11 -58.15 19.60
CA SER A 6 7.53 -58.36 19.36
C SER A 6 7.75 -58.59 17.88
N GLY A 7 8.92 -58.20 17.39
CA GLY A 7 9.26 -58.50 16.02
C GLY A 7 10.46 -57.71 15.55
N VAL A 8 10.64 -57.71 14.23
CA VAL A 8 11.65 -56.91 13.56
C VAL A 8 10.98 -56.19 12.40
N LEU A 9 11.36 -54.94 12.17
CA LEU A 9 10.77 -54.12 11.12
C LEU A 9 11.85 -53.68 10.15
N LYS A 10 11.57 -53.85 8.85
CA LYS A 10 12.57 -53.58 7.82
C LYS A 10 11.96 -52.72 6.71
N ASP A 11 12.74 -52.44 5.68
CA ASP A 11 12.26 -51.71 4.52
C ASP A 11 12.17 -52.67 3.35
N GLY A 12 11.83 -52.13 2.17
CA GLY A 12 11.63 -52.97 1.01
C GLY A 12 12.86 -53.78 0.63
N THR A 13 14.05 -53.22 0.83
CA THR A 13 15.29 -53.88 0.45
C THR A 13 15.83 -54.80 1.54
N GLY A 14 14.98 -55.25 2.47
CA GLY A 14 15.39 -56.24 3.46
C GLY A 14 16.52 -55.81 4.37
N LYS A 15 16.43 -54.60 4.92
CA LYS A 15 17.44 -54.10 5.84
C LYS A 15 16.78 -53.53 7.10
N PRO A 16 17.44 -53.60 8.25
CA PRO A 16 16.89 -52.95 9.44
C PRO A 16 16.96 -51.43 9.32
N VAL A 17 15.98 -50.78 9.93
CA VAL A 17 15.90 -49.31 9.93
C VAL A 17 16.57 -48.79 11.19
N GLN A 18 17.41 -47.78 11.04
CA GLN A 18 18.18 -47.23 12.14
C GLN A 18 17.65 -45.87 12.55
N ASN A 19 17.88 -45.53 13.82
CA ASN A 19 17.51 -44.23 14.39
C ASN A 19 16.01 -43.98 14.31
N CYS A 20 15.21 -45.04 14.30
CA CYS A 20 13.77 -44.91 14.23
C CYS A 20 13.17 -45.03 15.63
N THR A 21 11.90 -44.67 15.74
CA THR A 21 11.19 -44.77 17.02
C THR A 21 9.71 -44.97 16.75
N ILE A 22 9.07 -45.85 17.52
CA ILE A 22 7.66 -46.15 17.39
C ILE A 22 6.92 -45.48 18.54
N GLN A 23 5.86 -44.76 18.21
CA GLN A 23 5.05 -44.07 19.21
C GLN A 23 3.60 -44.52 19.09
N LEU A 24 3.02 -44.89 20.22
CA LEU A 24 1.60 -45.25 20.31
C LEU A 24 0.87 -44.13 21.03
N LYS A 25 -0.13 -43.55 20.37
CA LYS A 25 -0.92 -42.46 20.94
C LYS A 25 -2.34 -42.97 21.17
N ALA A 26 -2.79 -42.92 22.42
CA ALA A 26 -4.09 -43.47 22.78
C ALA A 26 -5.18 -42.48 22.39
N ARG A 27 -6.00 -42.86 21.41
CA ARG A 27 -7.06 -41.99 20.91
C ARG A 27 -8.37 -42.10 21.68
N ARG A 28 -8.49 -43.08 22.57
CA ARG A 28 -9.68 -43.23 23.40
C ARG A 28 -9.25 -43.69 24.78
N ASN A 29 -9.64 -42.94 25.81
CA ASN A 29 -9.24 -43.30 27.16
C ASN A 29 -9.86 -44.62 27.59
N SER A 30 -9.12 -45.38 28.38
CA SER A 30 -9.52 -46.72 28.77
C SER A 30 -9.48 -46.84 30.28
N THR A 31 -9.71 -48.05 30.77
CA THR A 31 -9.66 -48.31 32.21
C THR A 31 -8.26 -48.21 32.79
N THR A 32 -7.23 -48.16 31.95
CA THR A 32 -5.86 -48.08 32.42
C THR A 32 -5.01 -47.04 31.71
N VAL A 33 -5.49 -46.46 30.62
CA VAL A 33 -4.73 -45.47 29.85
C VAL A 33 -5.60 -44.26 29.61
N VAL A 34 -5.09 -43.08 29.92
CA VAL A 34 -5.81 -41.84 29.71
C VAL A 34 -5.65 -41.40 28.27
N VAL A 35 -6.66 -40.70 27.75
CA VAL A 35 -6.65 -40.30 26.34
C VAL A 35 -5.49 -39.34 26.08
N ASN A 36 -5.00 -39.38 24.84
CA ASN A 36 -3.92 -38.50 24.38
C ASN A 36 -2.66 -38.67 25.22
N THR A 37 -2.10 -39.87 25.21
CA THR A 37 -0.82 -40.14 25.87
C THR A 37 0.04 -40.97 24.93
N VAL A 38 1.28 -40.52 24.72
CA VAL A 38 2.19 -41.15 23.77
C VAL A 38 3.18 -42.02 24.54
N GLY A 39 3.35 -43.24 24.08
CA GLY A 39 4.37 -44.14 24.60
C GLY A 39 5.29 -44.57 23.48
N SER A 40 6.59 -44.36 23.67
CA SER A 40 7.55 -44.53 22.60
C SER A 40 8.57 -45.60 22.93
N GLU A 41 9.13 -46.21 21.90
CA GLU A 41 10.19 -47.18 22.06
C GLU A 41 11.11 -47.14 20.83
N ASN A 42 12.42 -47.16 21.08
CA ASN A 42 13.44 -47.16 20.03
C ASN A 42 14.04 -48.54 19.86
N PRO A 43 13.93 -49.14 18.68
CA PRO A 43 14.51 -50.48 18.47
C PRO A 43 16.03 -50.45 18.56
N ASP A 44 16.60 -51.64 18.65
CA ASP A 44 18.05 -51.79 18.74
C ASP A 44 18.67 -51.61 17.36
N GLU A 45 19.98 -51.84 17.27
CA GLU A 45 20.70 -51.67 16.01
C GLU A 45 20.28 -52.70 14.97
N ALA A 46 19.68 -53.80 15.38
CA ALA A 46 19.23 -54.84 14.46
C ALA A 46 17.77 -54.69 14.06
N GLY A 47 17.11 -53.62 14.50
CA GLY A 47 15.72 -53.40 14.14
C GLY A 47 14.70 -54.19 14.92
N ARG A 48 15.10 -54.79 16.05
CA ARG A 48 14.22 -55.61 16.84
C ARG A 48 13.49 -54.78 17.89
N TYR A 49 12.20 -54.99 18.02
CA TYR A 49 11.37 -54.26 18.97
C TYR A 49 10.54 -55.25 19.78
N SER A 50 10.28 -54.88 21.03
CA SER A 50 9.53 -55.72 21.96
C SER A 50 8.91 -54.82 23.03
N MET A 51 7.58 -54.86 23.16
CA MET A 51 6.90 -53.94 24.06
C MET A 51 5.55 -54.51 24.48
N ASP A 52 5.14 -54.17 25.70
CA ASP A 52 3.89 -54.63 26.29
C ASP A 52 2.85 -53.53 26.13
N VAL A 53 1.70 -53.86 25.52
CA VAL A 53 0.70 -52.88 25.12
C VAL A 53 -0.60 -53.16 25.85
N GLU A 54 -1.16 -52.12 26.46
CA GLU A 54 -2.48 -52.21 27.08
C GLU A 54 -3.57 -52.14 26.02
N TYR A 55 -4.75 -52.64 26.38
CA TYR A 55 -5.87 -52.71 25.46
C TYR A 55 -6.41 -51.33 25.14
N GLY A 56 -7.13 -51.24 24.02
CA GLY A 56 -7.74 -50.02 23.54
C GLY A 56 -7.39 -49.76 22.09
N GLN A 57 -7.69 -48.56 21.62
CA GLN A 57 -7.35 -48.15 20.26
C GLN A 57 -6.18 -47.17 20.32
N TYR A 58 -5.20 -47.40 19.46
CA TYR A 58 -4.01 -46.56 19.40
C TYR A 58 -3.74 -46.15 17.97
N SER A 59 -3.09 -44.99 17.83
CA SER A 59 -2.58 -44.52 16.55
C SER A 59 -1.07 -44.67 16.57
N VAL A 60 -0.51 -45.25 15.51
CA VAL A 60 0.90 -45.61 15.45
C VAL A 60 1.65 -44.59 14.61
N ILE A 61 2.78 -44.11 15.13
CA ILE A 61 3.62 -43.14 14.44
C ILE A 61 5.03 -43.69 14.40
N LEU A 62 5.68 -43.58 13.23
CA LEU A 62 7.08 -43.92 13.08
C LEU A 62 7.86 -42.64 12.80
N GLN A 63 8.91 -42.40 13.57
CA GLN A 63 9.78 -41.27 13.31
C GLN A 63 11.19 -41.76 13.02
N VAL A 64 11.73 -41.35 11.89
CA VAL A 64 13.11 -41.64 11.51
C VAL A 64 13.87 -40.34 11.51
N ASP A 65 15.14 -40.39 11.90
CA ASP A 65 15.92 -39.17 12.11
C ASP A 65 16.05 -38.44 10.77
N GLY A 66 15.34 -37.33 10.64
CA GLY A 66 15.40 -36.50 9.45
C GLY A 66 14.10 -36.48 8.68
N PHE A 67 13.50 -37.66 8.49
CA PHE A 67 12.26 -37.79 7.74
C PHE A 67 11.08 -37.20 8.51
N PRO A 68 10.03 -36.76 7.80
CA PRO A 68 8.84 -36.28 8.50
C PRO A 68 8.12 -37.45 9.16
N PRO A 69 7.38 -37.19 10.24
CA PRO A 69 6.68 -38.28 10.94
C PRO A 69 5.73 -39.01 10.02
N SER A 70 5.76 -40.34 10.09
CA SER A 70 4.89 -41.19 9.28
C SER A 70 3.74 -41.73 10.11
N HIS A 71 2.54 -41.70 9.53
CA HIS A 71 1.34 -42.23 10.17
C HIS A 71 1.05 -43.60 9.59
N ALA A 72 1.55 -44.64 10.28
CA ALA A 72 1.37 -45.99 9.77
C ALA A 72 -0.10 -46.40 9.76
N GLY A 73 -0.83 -46.06 10.80
CA GLY A 73 -2.24 -46.43 10.86
C GLY A 73 -2.73 -46.46 12.29
N THR A 74 -3.76 -47.27 12.52
CA THR A 74 -4.39 -47.41 13.81
C THR A 74 -4.55 -48.88 14.16
N ILE A 75 -4.25 -49.24 15.40
CA ILE A 75 -4.37 -50.60 15.89
C ILE A 75 -5.42 -50.62 16.99
N THR A 76 -6.01 -51.80 17.21
CA THR A 76 -6.94 -52.01 18.30
C THR A 76 -6.59 -53.31 19.00
N VAL A 77 -6.28 -53.22 20.28
CA VAL A 77 -5.92 -54.38 21.09
C VAL A 77 -7.10 -54.70 21.99
N TYR A 78 -7.72 -55.86 21.75
CA TYR A 78 -8.89 -56.27 22.49
C TYR A 78 -8.48 -57.20 23.63
N GLU A 79 -9.47 -57.79 24.30
CA GLU A 79 -9.22 -58.76 25.36
C GLU A 79 -8.96 -60.17 24.83
N ASP A 80 -9.24 -60.42 23.56
CA ASP A 80 -9.04 -61.72 22.97
C ASP A 80 -7.85 -61.76 22.02
N SER A 81 -7.05 -60.70 21.97
CA SER A 81 -5.92 -60.64 21.06
C SER A 81 -4.75 -61.45 21.58
N GLN A 82 -3.99 -62.02 20.65
CA GLN A 82 -2.85 -62.88 20.95
C GLN A 82 -1.56 -62.20 20.52
N PRO A 83 -0.41 -62.56 21.11
CA PRO A 83 0.85 -61.90 20.76
C PRO A 83 1.18 -62.05 19.29
N GLY A 84 1.78 -61.01 18.73
CA GLY A 84 2.16 -61.01 17.33
C GLY A 84 2.93 -59.75 17.00
N THR A 85 3.44 -59.71 15.77
CA THR A 85 4.21 -58.55 15.33
C THR A 85 3.28 -57.35 15.11
N LEU A 86 3.89 -56.16 15.10
CA LEU A 86 3.13 -54.93 14.89
C LEU A 86 2.46 -54.89 13.52
N ASN A 87 3.05 -55.54 12.52
CA ASN A 87 2.51 -55.47 11.17
C ASN A 87 1.15 -56.14 11.06
N ASP A 88 0.93 -57.24 11.79
CA ASP A 88 -0.35 -57.94 11.70
C ASP A 88 -1.49 -57.07 12.21
N PHE A 89 -1.26 -56.30 13.28
CA PHE A 89 -2.30 -55.41 13.77
C PHE A 89 -2.65 -54.34 12.75
N LEU A 90 -1.65 -53.80 12.05
CA LEU A 90 -1.95 -52.90 10.94
C LEU A 90 -2.75 -53.59 9.86
N CYS A 91 -2.36 -54.82 9.50
CA CYS A 91 -3.00 -55.55 8.41
C CYS A 91 -4.27 -56.27 8.84
N ALA A 92 -4.60 -56.25 10.12
CA ALA A 92 -5.80 -56.93 10.60
C ALA A 92 -7.05 -56.30 9.99
N MET A 93 -8.05 -57.15 9.74
CA MET A 93 -9.30 -56.67 9.17
C MET A 93 -10.02 -55.76 10.16
N THR A 94 -10.60 -54.68 9.67
CA THR A 94 -11.31 -53.72 10.50
C THR A 94 -12.73 -53.51 10.02
N MET B 1 -26.84 -2.38 58.49
CA MET B 1 -26.20 -3.44 59.27
C MET B 1 -25.40 -4.35 58.36
N ALA B 2 -24.23 -4.79 58.83
CA ALA B 2 -23.33 -5.63 58.06
C ALA B 2 -23.51 -7.08 58.46
N VAL B 3 -23.90 -7.93 57.51
CA VAL B 3 -23.93 -9.36 57.74
C VAL B 3 -22.50 -9.90 57.73
N LYS B 4 -22.25 -10.85 58.62
CA LYS B 4 -20.93 -11.47 58.74
C LYS B 4 -20.81 -12.61 57.75
N ILE B 5 -19.79 -12.55 56.90
CA ILE B 5 -19.52 -13.58 55.90
C ILE B 5 -18.22 -14.25 56.31
N SER B 6 -18.30 -15.48 56.76
CA SER B 6 -17.14 -16.20 57.28
C SER B 6 -17.05 -17.56 56.63
N GLY B 7 -15.82 -18.04 56.47
CA GLY B 7 -15.63 -19.38 55.95
C GLY B 7 -14.19 -19.65 55.61
N VAL B 8 -13.97 -20.77 54.93
CA VAL B 8 -12.66 -21.18 54.45
C VAL B 8 -12.76 -21.36 52.93
N LEU B 9 -11.67 -21.06 52.23
CA LEU B 9 -11.66 -21.05 50.78
C LEU B 9 -10.71 -22.12 50.27
N LYS B 10 -11.25 -23.15 49.64
CA LYS B 10 -10.48 -24.29 49.16
C LYS B 10 -10.78 -24.54 47.68
N ASP B 11 -10.01 -25.44 47.09
CA ASP B 11 -10.17 -25.82 45.70
C ASP B 11 -10.63 -27.27 45.64
N GLY B 12 -10.66 -27.82 44.42
CA GLY B 12 -11.21 -29.15 44.23
C GLY B 12 -10.49 -30.23 45.01
N THR B 13 -9.17 -30.11 45.15
CA THR B 13 -8.37 -31.12 45.83
C THR B 13 -8.22 -30.86 47.33
N GLY B 14 -9.14 -30.10 47.93
CA GLY B 14 -9.15 -29.94 49.38
C GLY B 14 -7.92 -29.26 49.95
N LYS B 15 -7.49 -28.16 49.35
CA LYS B 15 -6.35 -27.39 49.85
C LYS B 15 -6.72 -25.92 49.90
N PRO B 16 -6.09 -25.15 50.78
CA PRO B 16 -6.32 -23.70 50.78
C PRO B 16 -5.70 -23.05 49.55
N VAL B 17 -6.28 -21.92 49.15
CA VAL B 17 -5.80 -21.15 48.01
C VAL B 17 -4.99 -19.98 48.54
N GLN B 18 -3.75 -19.86 48.07
CA GLN B 18 -2.84 -18.83 48.54
C GLN B 18 -2.77 -17.68 47.54
N ASN B 19 -2.31 -16.53 48.03
CA ASN B 19 -2.21 -15.30 47.25
C ASN B 19 -3.55 -14.90 46.64
N CYS B 20 -4.65 -15.22 47.32
CA CYS B 20 -5.97 -14.94 46.80
C CYS B 20 -6.44 -13.55 47.23
N THR B 21 -7.48 -13.07 46.57
CA THR B 21 -8.08 -11.78 46.89
C THR B 21 -9.55 -11.82 46.51
N ILE B 22 -10.42 -11.45 47.44
CA ILE B 22 -11.85 -11.43 47.22
C ILE B 22 -12.29 -9.98 47.11
N GLN B 23 -12.96 -9.65 46.00
CA GLN B 23 -13.44 -8.31 45.75
C GLN B 23 -14.95 -8.31 45.58
N LEU B 24 -15.61 -7.33 46.17
CA LEU B 24 -17.05 -7.14 46.03
C LEU B 24 -17.28 -5.79 45.34
N LYS B 25 -18.03 -5.83 44.24
CA LYS B 25 -18.39 -4.63 43.48
C LYS B 25 -19.86 -4.32 43.71
N ALA B 26 -20.16 -3.12 44.19
CA ALA B 26 -21.54 -2.71 44.41
C ALA B 26 -22.22 -2.46 43.06
N ARG B 27 -23.07 -3.39 42.65
CA ARG B 27 -23.71 -3.28 41.34
C ARG B 27 -24.72 -2.14 41.30
N ARG B 28 -25.49 -1.97 42.36
CA ARG B 28 -26.50 -0.93 42.44
C ARG B 28 -26.34 -0.18 43.75
N ASN B 29 -26.33 1.15 43.67
CA ASN B 29 -26.07 1.96 44.85
C ASN B 29 -27.19 1.81 45.87
N SER B 30 -26.79 1.78 47.15
CA SER B 30 -27.75 1.63 48.24
C SER B 30 -27.69 2.84 49.14
N THR B 31 -28.40 2.78 50.28
CA THR B 31 -28.37 3.87 51.22
C THR B 31 -27.12 3.87 52.10
N THR B 32 -26.18 2.97 51.85
CA THR B 32 -24.97 2.91 52.65
C THR B 32 -23.71 2.88 51.79
N VAL B 33 -23.83 2.39 50.56
CA VAL B 33 -22.70 2.28 49.64
C VAL B 33 -23.05 2.98 48.33
N VAL B 34 -22.02 3.43 47.63
CA VAL B 34 -22.18 4.10 46.35
C VAL B 34 -21.80 3.14 45.24
N VAL B 35 -22.51 3.23 44.11
CA VAL B 35 -22.34 2.27 43.03
C VAL B 35 -20.92 2.36 42.45
N ASN B 36 -20.44 1.23 41.92
CA ASN B 36 -19.09 1.11 41.37
C ASN B 36 -18.03 1.38 42.42
N THR B 37 -18.15 0.73 43.57
CA THR B 37 -17.13 0.77 44.61
C THR B 37 -16.71 -0.65 44.95
N VAL B 38 -15.40 -0.88 45.00
CA VAL B 38 -14.84 -2.21 45.20
C VAL B 38 -14.34 -2.32 46.63
N GLY B 39 -14.66 -3.43 47.28
CA GLY B 39 -14.14 -3.72 48.60
C GLY B 39 -13.51 -5.09 48.64
N SER B 40 -12.23 -5.18 48.99
CA SER B 40 -11.50 -6.43 48.86
C SER B 40 -10.83 -6.79 50.18
N GLU B 41 -10.61 -8.09 50.36
CA GLU B 41 -9.88 -8.54 51.53
C GLU B 41 -9.20 -9.87 51.24
N ASN B 42 -7.90 -9.95 51.56
CA ASN B 42 -7.05 -11.11 51.33
C ASN B 42 -7.21 -12.13 52.44
N PRO B 43 -7.51 -13.39 52.13
CA PRO B 43 -7.55 -14.43 53.16
C PRO B 43 -6.16 -14.69 53.73
N ASP B 44 -6.15 -15.38 54.87
CA ASP B 44 -4.91 -15.71 55.53
C ASP B 44 -4.23 -16.91 54.86
N GLU B 45 -3.12 -17.36 55.45
CA GLU B 45 -2.36 -18.46 54.89
C GLU B 45 -3.15 -19.77 54.86
N ALA B 46 -4.12 -19.93 55.76
CA ALA B 46 -4.92 -21.15 55.81
C ALA B 46 -6.20 -21.04 54.99
N GLY B 47 -6.40 -19.94 54.27
CA GLY B 47 -7.58 -19.81 53.44
C GLY B 47 -8.85 -19.44 54.17
N ARG B 48 -8.73 -18.78 55.32
CA ARG B 48 -9.88 -18.38 56.12
C ARG B 48 -10.21 -16.91 55.84
N TYR B 49 -11.48 -16.63 55.57
CA TYR B 49 -11.93 -15.27 55.28
C TYR B 49 -13.11 -14.91 56.17
N SER B 50 -13.17 -13.63 56.54
CA SER B 50 -14.27 -13.09 57.33
C SER B 50 -14.41 -11.62 57.01
N MET B 51 -15.58 -11.24 56.47
CA MET B 51 -15.89 -9.87 56.11
C MET B 51 -17.23 -9.47 56.72
N ASP B 52 -17.48 -8.16 56.74
CA ASP B 52 -18.74 -7.61 57.23
C ASP B 52 -19.35 -6.79 56.10
N VAL B 53 -20.27 -7.38 55.35
CA VAL B 53 -20.76 -6.78 54.11
C VAL B 53 -22.05 -6.04 54.40
N GLU B 54 -22.27 -4.94 53.70
CA GLU B 54 -23.55 -4.24 53.75
C GLU B 54 -24.54 -4.89 52.80
N TYR B 55 -25.82 -4.59 53.00
CA TYR B 55 -26.85 -5.22 52.19
C TYR B 55 -26.94 -4.57 50.82
N GLY B 56 -27.42 -5.34 49.85
CA GLY B 56 -27.58 -4.91 48.48
C GLY B 56 -27.16 -5.99 47.52
N GLN B 57 -26.87 -5.58 46.29
CA GLN B 57 -26.41 -6.49 45.24
C GLN B 57 -24.93 -6.25 44.99
N TYR B 58 -24.16 -7.33 44.92
CA TYR B 58 -22.73 -7.23 44.64
C TYR B 58 -22.33 -8.27 43.62
N SER B 59 -21.30 -7.95 42.85
CA SER B 59 -20.65 -8.88 41.95
C SER B 59 -19.32 -9.29 42.59
N VAL B 60 -19.06 -10.59 42.64
CA VAL B 60 -17.91 -11.13 43.36
C VAL B 60 -16.81 -11.44 42.35
N ILE B 61 -15.59 -11.00 42.66
CA ILE B 61 -14.42 -11.23 41.82
C ILE B 61 -13.38 -11.96 42.65
N LEU B 62 -12.82 -13.03 42.08
CA LEU B 62 -11.75 -13.79 42.69
C LEU B 62 -10.46 -13.50 41.93
N GLN B 63 -9.44 -13.03 42.64
CA GLN B 63 -8.17 -12.67 42.03
C GLN B 63 -7.09 -13.58 42.59
N VAL B 64 -6.34 -14.23 41.70
CA VAL B 64 -5.25 -15.10 42.10
C VAL B 64 -3.99 -14.62 41.41
N ASP B 65 -2.88 -14.65 42.13
CA ASP B 65 -1.62 -14.13 41.62
C ASP B 65 -1.13 -15.03 40.49
N GLY B 66 -1.35 -14.60 39.25
CA GLY B 66 -0.94 -15.36 38.10
C GLY B 66 -2.06 -15.67 37.14
N PHE B 67 -3.24 -15.97 37.67
CA PHE B 67 -4.38 -16.28 36.82
C PHE B 67 -5.17 -15.02 36.49
N PRO B 68 -5.88 -15.01 35.37
CA PRO B 68 -6.72 -13.86 35.06
C PRO B 68 -7.89 -13.77 36.03
N PRO B 69 -8.45 -12.58 36.24
CA PRO B 69 -9.53 -12.43 37.22
C PRO B 69 -10.70 -13.35 36.92
N SER B 70 -11.20 -14.00 37.96
CA SER B 70 -12.33 -14.90 37.86
C SER B 70 -13.61 -14.21 38.28
N HIS B 71 -14.70 -14.54 37.58
CA HIS B 71 -16.00 -13.96 37.84
C HIS B 71 -16.86 -15.03 38.51
N ALA B 72 -16.83 -15.06 39.84
CA ALA B 72 -17.54 -16.09 40.58
C ALA B 72 -19.05 -15.98 40.36
N GLY B 73 -19.58 -14.78 40.36
CA GLY B 73 -21.00 -14.59 40.15
C GLY B 73 -21.49 -13.34 40.86
N THR B 74 -22.76 -13.37 41.24
CA THR B 74 -23.42 -12.22 41.86
C THR B 74 -24.18 -12.67 43.10
N ILE B 75 -24.02 -11.94 44.19
CA ILE B 75 -24.72 -12.21 45.43
C ILE B 75 -25.67 -11.06 45.70
N THR B 76 -26.76 -11.35 46.41
CA THR B 76 -27.75 -10.36 46.80
C THR B 76 -28.13 -10.59 48.26
N VAL B 77 -27.61 -9.74 49.14
CA VAL B 77 -27.82 -9.88 50.57
C VAL B 77 -28.92 -8.92 51.00
N TYR B 78 -30.01 -9.48 51.51
CA TYR B 78 -31.15 -8.70 51.97
C TYR B 78 -30.95 -8.27 53.42
N GLU B 79 -32.00 -7.69 54.00
CA GLU B 79 -31.95 -7.31 55.41
C GLU B 79 -32.19 -8.50 56.33
N ASP B 80 -32.75 -9.59 55.81
CA ASP B 80 -33.09 -10.76 56.62
C ASP B 80 -32.04 -11.87 56.54
N SER B 81 -30.96 -11.67 55.81
CA SER B 81 -29.96 -12.72 55.64
C SER B 81 -29.24 -13.00 56.96
N GLN B 82 -28.84 -14.26 57.12
CA GLN B 82 -28.11 -14.73 58.29
C GLN B 82 -26.66 -15.00 57.92
N PRO B 83 -25.74 -14.97 58.88
CA PRO B 83 -24.33 -15.19 58.56
C PRO B 83 -24.10 -16.56 57.96
N GLY B 84 -23.11 -16.63 57.09
CA GLY B 84 -22.78 -17.87 56.42
C GLY B 84 -21.68 -17.66 55.41
N THR B 85 -21.25 -18.75 54.80
CA THR B 85 -20.19 -18.70 53.81
C THR B 85 -20.70 -18.10 52.51
N LEU B 86 -19.80 -17.42 51.80
CA LEU B 86 -20.16 -16.82 50.52
C LEU B 86 -20.50 -17.88 49.48
N ASN B 87 -20.05 -19.12 49.69
CA ASN B 87 -20.41 -20.21 48.79
C ASN B 87 -21.92 -20.44 48.78
N ASP B 88 -22.56 -20.37 49.94
CA ASP B 88 -24.02 -20.49 50.00
C ASP B 88 -24.68 -19.34 49.28
N PHE B 89 -24.12 -18.13 49.38
CA PHE B 89 -24.71 -16.98 48.72
C PHE B 89 -24.64 -17.08 47.20
N LEU B 90 -23.52 -17.52 46.65
CA LEU B 90 -23.50 -17.74 45.20
C LEU B 90 -24.48 -18.84 44.78
N CYS B 91 -24.57 -19.92 45.54
CA CYS B 91 -25.42 -21.05 45.16
C CYS B 91 -26.87 -20.88 45.58
N ALA B 92 -27.20 -19.80 46.27
CA ALA B 92 -28.58 -19.57 46.69
C ALA B 92 -29.48 -19.37 45.49
N MET B 93 -30.74 -19.79 45.63
CA MET B 93 -31.71 -19.69 44.54
C MET B 93 -32.01 -18.23 44.23
N THR B 94 -32.18 -17.93 42.95
CA THR B 94 -32.49 -16.57 42.52
C THR B 94 -33.75 -16.55 41.67
N MET C 1 -17.34 -33.74 52.78
CA MET C 1 -16.33 -34.78 52.81
C MET C 1 -15.56 -34.90 51.49
N ALA C 2 -14.36 -35.45 51.55
CA ALA C 2 -13.50 -35.60 50.40
C ALA C 2 -13.32 -37.07 50.07
N VAL C 3 -13.68 -37.46 48.86
CA VAL C 3 -13.52 -38.84 48.41
C VAL C 3 -12.08 -39.03 47.94
N LYS C 4 -11.50 -40.16 48.30
CA LYS C 4 -10.10 -40.43 47.95
C LYS C 4 -10.02 -40.99 46.54
N ILE C 5 -9.27 -40.29 45.68
CA ILE C 5 -9.05 -40.72 44.31
C ILE C 5 -7.58 -41.12 44.22
N SER C 6 -7.33 -42.42 44.04
CA SER C 6 -5.98 -42.93 44.07
C SER C 6 -5.77 -43.90 42.91
N GLY C 7 -4.52 -44.02 42.49
CA GLY C 7 -4.18 -44.97 41.45
C GLY C 7 -2.77 -44.78 40.96
N VAL C 8 -2.47 -45.46 39.86
CA VAL C 8 -1.20 -45.36 39.17
C VAL C 8 -1.48 -44.94 37.73
N LEU C 9 -0.60 -44.11 37.18
CA LEU C 9 -0.84 -43.45 35.90
C LEU C 9 0.21 -43.94 34.90
N LYS C 10 -0.22 -44.78 33.96
CA LYS C 10 0.66 -45.37 32.98
C LYS C 10 0.26 -44.96 31.57
N ASP C 11 1.25 -44.92 30.69
CA ASP C 11 1.01 -44.60 29.28
C ASP C 11 0.54 -45.85 28.54
N GLY C 12 0.47 -45.77 27.22
CA GLY C 12 -0.10 -46.87 26.46
C GLY C 12 0.79 -48.09 26.31
N THR C 13 2.05 -48.03 26.74
CA THR C 13 2.96 -49.17 26.63
C THR C 13 3.36 -49.72 27.99
N GLY C 14 2.48 -49.61 28.99
CA GLY C 14 2.73 -50.20 30.29
C GLY C 14 3.93 -49.66 31.05
N LYS C 15 4.14 -48.35 31.01
CA LYS C 15 5.20 -47.70 31.77
C LYS C 15 4.62 -46.48 32.45
N PRO C 16 5.12 -46.11 33.62
CA PRO C 16 4.65 -44.88 34.26
C PRO C 16 5.07 -43.66 33.46
N VAL C 17 4.22 -42.64 33.48
CA VAL C 17 4.49 -41.37 32.82
C VAL C 17 4.97 -40.38 33.86
N GLN C 18 6.15 -39.81 33.64
CA GLN C 18 6.75 -38.89 34.58
C GLN C 18 6.56 -37.45 34.11
N ASN C 19 6.96 -36.50 34.97
CA ASN C 19 6.82 -35.07 34.71
C ASN C 19 5.35 -34.66 34.59
N CYS C 20 4.45 -35.50 35.09
CA CYS C 20 3.02 -35.26 34.97
C CYS C 20 2.59 -34.09 35.85
N THR C 21 1.42 -33.55 35.53
CA THR C 21 0.75 -32.58 36.39
C THR C 21 -0.74 -32.68 36.07
N ILE C 22 -1.53 -33.10 37.05
CA ILE C 22 -2.95 -33.30 36.86
C ILE C 22 -3.71 -32.17 37.55
N GLN C 23 -4.62 -31.54 36.81
CA GLN C 23 -5.35 -30.36 37.27
C GLN C 23 -6.84 -30.62 37.24
N LEU C 24 -7.53 -30.19 38.29
CA LEU C 24 -8.98 -30.25 38.37
C LEU C 24 -9.54 -28.84 38.26
N LYS C 25 -10.42 -28.64 37.30
CA LYS C 25 -10.95 -27.33 36.93
C LYS C 25 -12.44 -27.33 37.28
N ALA C 26 -12.81 -26.63 38.35
CA ALA C 26 -14.21 -26.58 38.75
C ALA C 26 -15.01 -25.75 37.75
N ARG C 27 -16.20 -26.23 37.40
CA ARG C 27 -17.03 -25.54 36.42
C ARG C 27 -18.35 -25.01 36.98
N ARG C 28 -18.79 -25.48 38.15
CA ARG C 28 -19.98 -24.94 38.77
C ARG C 28 -19.72 -24.74 40.25
N ASN C 29 -20.42 -23.77 40.83
CA ASN C 29 -20.29 -23.50 42.25
C ASN C 29 -20.82 -24.68 43.06
N SER C 30 -20.03 -25.12 44.02
CA SER C 30 -20.44 -26.20 44.92
C SER C 30 -20.58 -25.62 46.33
N THR C 31 -20.87 -26.50 47.29
CA THR C 31 -21.06 -26.05 48.66
C THR C 31 -19.75 -25.59 49.28
N THR C 32 -18.61 -26.06 48.74
CA THR C 32 -17.32 -25.75 49.33
C THR C 32 -16.24 -25.46 48.29
N VAL C 33 -16.60 -25.26 47.03
CA VAL C 33 -15.63 -24.94 45.99
C VAL C 33 -16.22 -23.84 45.11
N VAL C 34 -15.44 -22.79 44.88
CA VAL C 34 -15.86 -21.67 44.04
C VAL C 34 -15.51 -21.96 42.60
N VAL C 35 -16.37 -21.52 41.68
CA VAL C 35 -16.17 -21.80 40.27
C VAL C 35 -14.86 -21.16 39.78
N ASN C 36 -14.31 -21.73 38.71
CA ASN C 36 -13.08 -21.24 38.08
C ASN C 36 -11.90 -21.27 39.06
N THR C 37 -11.72 -22.41 39.72
CA THR C 37 -10.58 -22.64 40.59
C THR C 37 -9.91 -23.94 40.21
N VAL C 38 -8.59 -23.95 40.15
CA VAL C 38 -7.82 -25.10 39.72
C VAL C 38 -7.12 -25.73 40.91
N GLY C 39 -7.17 -27.05 40.97
CA GLY C 39 -6.42 -27.79 41.98
C GLY C 39 -5.44 -28.74 41.34
N SER C 40 -4.16 -28.58 41.64
CA SER C 40 -3.10 -29.32 40.96
C SER C 40 -2.60 -30.46 41.82
N GLU C 41 -1.96 -31.43 41.15
CA GLU C 41 -1.39 -32.59 41.83
C GLU C 41 -0.26 -33.14 40.98
N ASN C 42 0.86 -33.48 41.61
CA ASN C 42 2.02 -33.98 40.90
C ASN C 42 2.31 -35.43 41.28
N PRO C 43 2.21 -36.37 40.36
CA PRO C 43 2.55 -37.77 40.69
C PRO C 43 4.02 -37.97 40.95
N ASP C 44 4.38 -39.09 41.57
CA ASP C 44 5.77 -39.42 41.83
C ASP C 44 6.38 -40.11 40.61
N GLU C 45 7.64 -40.53 40.72
CA GLU C 45 8.31 -41.15 39.58
C GLU C 45 7.69 -42.49 39.21
N ALA C 46 7.08 -43.18 40.16
CA ALA C 46 6.47 -44.46 39.87
C ALA C 46 5.04 -44.33 39.37
N GLY C 47 4.51 -43.12 39.29
CA GLY C 47 3.19 -42.89 38.74
C GLY C 47 2.05 -42.97 39.72
N ARG C 48 2.32 -43.05 41.02
CA ARG C 48 1.26 -43.10 42.02
C ARG C 48 0.71 -41.70 42.27
N TYR C 49 -0.61 -41.59 42.28
CA TYR C 49 -1.29 -40.34 42.61
C TYR C 49 -2.40 -40.62 43.60
N SER C 50 -2.64 -39.67 44.50
CA SER C 50 -3.70 -39.78 45.50
C SER C 50 -4.14 -38.37 45.87
N MET C 51 -5.43 -38.09 45.71
CA MET C 51 -6.01 -36.78 45.99
C MET C 51 -7.28 -36.96 46.81
N ASP C 52 -7.67 -35.89 47.50
CA ASP C 52 -8.91 -35.84 48.26
C ASP C 52 -9.82 -34.85 47.57
N VAL C 53 -10.77 -35.37 46.80
CA VAL C 53 -11.60 -34.55 45.91
C VAL C 53 -12.92 -34.25 46.59
N GLU C 54 -13.30 -32.97 46.61
CA GLU C 54 -14.62 -32.57 47.05
C GLU C 54 -15.63 -32.78 45.92
N TYR C 55 -16.86 -33.08 46.31
CA TYR C 55 -17.89 -33.44 45.34
C TYR C 55 -18.29 -32.24 44.50
N GLY C 56 -18.78 -32.52 43.29
CA GLY C 56 -19.13 -31.50 42.33
C GLY C 56 -18.86 -31.99 40.93
N GLN C 57 -18.70 -31.03 40.01
CA GLN C 57 -18.41 -31.33 38.61
C GLN C 57 -17.11 -30.66 38.21
N TYR C 58 -16.19 -31.43 37.63
CA TYR C 58 -14.85 -30.95 37.36
C TYR C 58 -14.44 -31.32 35.94
N SER C 59 -13.48 -30.58 35.40
CA SER C 59 -12.83 -30.90 34.14
C SER C 59 -11.40 -31.30 34.43
N VAL C 60 -10.94 -32.39 33.83
CA VAL C 60 -9.61 -32.91 34.14
C VAL C 60 -8.64 -32.46 33.05
N ILE C 61 -7.47 -31.98 33.46
CA ILE C 61 -6.44 -31.50 32.54
C ILE C 61 -5.15 -32.23 32.90
N LEU C 62 -4.41 -32.69 31.89
CA LEU C 62 -3.17 -33.42 32.11
C LEU C 62 -2.06 -32.75 31.32
N GLN C 63 -0.98 -32.36 32.00
CA GLN C 63 0.14 -31.71 31.35
C GLN C 63 1.41 -32.49 31.60
N VAL C 64 2.12 -32.86 30.54
CA VAL C 64 3.42 -33.50 30.71
C VAL C 64 4.51 -32.74 29.96
N ASP C 65 5.15 -31.79 30.67
CA ASP C 65 6.45 -31.20 30.33
C ASP C 65 6.77 -31.29 28.84
N GLY C 66 6.01 -30.55 28.05
CA GLY C 66 6.14 -30.59 26.60
C GLY C 66 4.87 -30.99 25.88
N PHE C 67 3.76 -31.01 26.55
CA PHE C 67 2.45 -31.38 26.05
C PHE C 67 1.48 -30.23 26.27
N PRO C 68 0.83 -29.71 25.23
CA PRO C 68 -0.30 -28.83 25.46
C PRO C 68 -1.39 -29.55 26.21
N PRO C 69 -2.13 -28.86 27.09
CA PRO C 69 -3.08 -29.53 27.98
C PRO C 69 -4.03 -30.48 27.26
N SER C 70 -4.14 -31.70 27.78
CA SER C 70 -4.96 -32.74 27.18
C SER C 70 -6.26 -32.87 27.95
N HIS C 71 -7.36 -32.36 27.40
CA HIS C 71 -8.64 -32.37 28.08
C HIS C 71 -9.18 -33.79 28.08
N ALA C 72 -8.88 -34.51 29.16
CA ALA C 72 -9.34 -35.89 29.30
C ALA C 72 -10.84 -36.00 29.40
N GLY C 73 -11.53 -34.96 29.86
CA GLY C 73 -12.97 -34.99 29.99
C GLY C 73 -13.47 -34.48 31.33
N THR C 74 -14.78 -34.56 31.55
CA THR C 74 -15.39 -34.06 32.78
C THR C 74 -15.77 -35.20 33.70
N ILE C 75 -15.39 -35.08 34.96
CA ILE C 75 -15.75 -36.04 36.00
C ILE C 75 -16.79 -35.41 36.91
N THR C 76 -17.55 -36.25 37.60
CA THR C 76 -18.60 -35.77 38.49
C THR C 76 -18.65 -36.66 39.73
N VAL C 77 -18.66 -36.04 40.91
CA VAL C 77 -18.74 -36.74 42.18
C VAL C 77 -19.99 -36.29 42.90
N TYR C 78 -20.88 -37.23 43.22
CA TYR C 78 -22.06 -36.99 44.03
C TYR C 78 -21.87 -37.59 45.42
N GLU C 79 -22.90 -37.49 46.24
CA GLU C 79 -22.86 -38.12 47.57
C GLU C 79 -23.25 -39.59 47.54
N ASP C 80 -22.71 -40.34 46.58
CA ASP C 80 -22.82 -41.79 46.59
C ASP C 80 -21.54 -42.44 46.07
N SER C 81 -20.53 -41.66 45.72
CA SER C 81 -19.35 -42.22 45.09
C SER C 81 -18.46 -42.91 46.12
N GLN C 82 -17.77 -43.96 45.66
CA GLN C 82 -16.87 -44.73 46.49
C GLN C 82 -15.44 -44.53 45.99
N PRO C 83 -14.44 -44.68 46.86
CA PRO C 83 -13.06 -44.44 46.45
C PRO C 83 -12.66 -45.35 45.30
N GLY C 84 -11.89 -44.79 44.37
CA GLY C 84 -11.48 -45.51 43.18
C GLY C 84 -10.41 -44.77 42.40
N THR C 85 -10.20 -45.17 41.15
CA THR C 85 -9.20 -44.57 40.31
C THR C 85 -9.81 -43.47 39.44
N LEU C 86 -8.94 -42.59 38.94
CA LEU C 86 -9.41 -41.50 38.10
C LEU C 86 -10.04 -42.01 36.81
N ASN C 87 -9.48 -43.09 36.25
CA ASN C 87 -9.92 -43.59 34.96
C ASN C 87 -11.38 -44.05 34.98
N ASP C 88 -11.83 -44.59 36.10
CA ASP C 88 -13.23 -45.04 36.18
C ASP C 88 -14.19 -43.88 36.02
N PHE C 89 -13.89 -42.73 36.64
CA PHE C 89 -14.77 -41.58 36.50
C PHE C 89 -14.84 -41.09 35.07
N LEU C 90 -13.71 -41.07 34.37
CA LEU C 90 -13.73 -40.71 32.96
C LEU C 90 -14.55 -41.71 32.15
N CYS C 91 -14.38 -43.00 32.44
CA CYS C 91 -15.10 -44.04 31.72
C CYS C 91 -16.51 -44.29 32.26
N ALA C 92 -16.88 -43.65 33.36
CA ALA C 92 -18.19 -43.90 33.96
C ALA C 92 -19.31 -43.44 33.04
N MET C 93 -20.42 -44.18 33.09
CA MET C 93 -21.61 -43.82 32.33
C MET C 93 -22.26 -42.60 32.99
N THR C 94 -22.00 -41.43 32.45
CA THR C 94 -22.51 -40.19 33.03
C THR C 94 -23.98 -40.01 32.68
N MET D 1 9.98 -64.35 2.19
CA MET D 1 11.17 -64.44 1.37
C MET D 1 11.36 -63.19 0.51
N ALA D 2 12.58 -63.00 0.00
CA ALA D 2 12.93 -61.82 -0.76
C ALA D 2 13.29 -62.21 -2.18
N VAL D 3 12.59 -61.61 -3.15
CA VAL D 3 12.92 -61.82 -4.55
C VAL D 3 14.19 -61.03 -4.87
N LYS D 4 15.10 -61.67 -5.60
CA LYS D 4 16.40 -61.08 -5.90
C LYS D 4 16.34 -60.36 -7.24
N ILE D 5 16.35 -59.03 -7.20
CA ILE D 5 16.28 -58.20 -8.40
C ILE D 5 17.68 -57.71 -8.70
N SER D 6 18.21 -58.09 -9.86
CA SER D 6 19.56 -57.76 -10.25
C SER D 6 19.58 -57.29 -11.70
N GLY D 7 20.58 -56.49 -12.03
CA GLY D 7 20.73 -56.03 -13.41
C GLY D 7 21.80 -54.98 -13.52
N VAL D 8 21.85 -54.37 -14.70
CA VAL D 8 22.75 -53.25 -14.99
C VAL D 8 21.89 -52.07 -15.41
N LEU D 9 22.35 -50.86 -15.09
CA LEU D 9 21.57 -49.64 -15.27
C LEU D 9 22.26 -48.76 -16.30
N LYS D 10 21.65 -48.63 -17.48
CA LYS D 10 22.23 -47.88 -18.58
C LYS D 10 21.32 -46.75 -19.03
N ASP D 11 21.92 -45.70 -19.54
CA ASP D 11 21.18 -44.59 -20.12
C ASP D 11 20.93 -44.88 -21.60
N GLY D 12 20.45 -43.87 -22.34
CA GLY D 12 20.04 -44.09 -23.71
C GLY D 12 21.16 -44.31 -24.70
N THR D 13 22.40 -44.04 -24.31
CA THR D 13 23.55 -44.22 -25.19
C THR D 13 24.34 -45.48 -24.88
N GLY D 14 23.74 -46.44 -24.20
CA GLY D 14 24.42 -47.69 -23.90
C GLY D 14 25.62 -47.52 -23.00
N LYS D 15 25.50 -46.70 -21.96
CA LYS D 15 26.58 -46.45 -21.03
C LYS D 15 26.08 -46.56 -19.61
N PRO D 16 26.92 -46.95 -18.66
CA PRO D 16 26.49 -46.98 -17.26
C PRO D 16 26.24 -45.58 -16.73
N VAL D 17 25.31 -45.47 -15.79
CA VAL D 17 24.95 -44.21 -15.17
C VAL D 17 25.43 -44.24 -13.72
N GLN D 18 26.24 -43.26 -13.35
CA GLN D 18 26.87 -43.22 -12.05
C GLN D 18 26.19 -42.21 -11.14
N ASN D 19 26.56 -42.26 -9.86
CA ASN D 19 26.00 -41.39 -8.81
C ASN D 19 24.51 -41.61 -8.64
N CYS D 20 24.02 -42.78 -9.01
CA CYS D 20 22.61 -43.11 -8.94
C CYS D 20 22.21 -43.45 -7.50
N THR D 21 20.90 -43.55 -7.29
CA THR D 21 20.36 -44.12 -6.06
C THR D 21 18.96 -44.62 -6.33
N ILE D 22 18.72 -45.91 -6.19
CA ILE D 22 17.40 -46.49 -6.38
C ILE D 22 16.75 -46.62 -5.01
N GLN D 23 15.56 -46.05 -4.85
CA GLN D 23 14.83 -46.13 -3.60
C GLN D 23 13.45 -46.71 -3.86
N LEU D 24 12.94 -47.44 -2.87
CA LEU D 24 11.65 -48.12 -2.97
C LEU D 24 10.73 -47.58 -1.87
N LYS D 25 9.71 -46.84 -2.28
CA LYS D 25 8.75 -46.24 -1.37
C LYS D 25 7.54 -47.17 -1.23
N ALA D 26 7.39 -47.78 -0.06
CA ALA D 26 6.28 -48.69 0.15
C ALA D 26 4.99 -47.91 0.35
N ARG D 27 3.96 -48.27 -0.43
CA ARG D 27 2.72 -47.50 -0.42
C ARG D 27 1.57 -48.21 0.27
N ARG D 28 1.66 -49.50 0.52
CA ARG D 28 0.63 -50.23 1.24
C ARG D 28 1.27 -51.09 2.32
N ASN D 29 0.52 -51.31 3.39
CA ASN D 29 1.00 -52.14 4.48
C ASN D 29 1.16 -53.58 4.00
N SER D 30 2.31 -54.16 4.28
CA SER D 30 2.58 -55.55 3.96
C SER D 30 2.84 -56.33 5.24
N THR D 31 2.95 -57.65 5.11
CA THR D 31 3.18 -58.49 6.27
C THR D 31 4.56 -58.29 6.88
N THR D 32 5.47 -57.63 6.17
CA THR D 32 6.83 -57.45 6.68
C THR D 32 7.37 -56.03 6.49
N VAL D 33 6.67 -55.13 5.82
CA VAL D 33 7.14 -53.79 5.55
C VAL D 33 6.05 -52.79 5.90
N VAL D 34 6.41 -51.75 6.65
CA VAL D 34 5.46 -50.73 7.09
C VAL D 34 5.35 -49.63 6.05
N VAL D 35 4.24 -48.89 6.09
CA VAL D 35 3.95 -47.88 5.07
C VAL D 35 4.95 -46.72 5.16
N ASN D 36 5.33 -46.21 3.98
CA ASN D 36 6.28 -45.10 3.85
C ASN D 36 7.61 -45.41 4.52
N THR D 37 8.29 -46.44 4.03
CA THR D 37 9.65 -46.75 4.44
C THR D 37 10.51 -46.86 3.20
N VAL D 38 11.60 -46.11 3.15
CA VAL D 38 12.44 -46.06 1.96
C VAL D 38 13.71 -46.86 2.20
N GLY D 39 14.07 -47.66 1.21
CA GLY D 39 15.31 -48.42 1.26
C GLY D 39 16.19 -48.12 0.06
N SER D 40 17.33 -47.48 0.30
CA SER D 40 18.17 -47.02 -0.78
C SER D 40 19.10 -48.13 -1.26
N GLU D 41 19.60 -47.97 -2.48
CA GLU D 41 20.57 -48.89 -3.05
C GLU D 41 21.42 -48.12 -4.06
N ASN D 42 22.74 -48.12 -3.86
CA ASN D 42 23.63 -47.40 -4.74
C ASN D 42 24.40 -48.36 -5.62
N PRO D 43 24.24 -48.28 -6.94
CA PRO D 43 24.98 -49.18 -7.83
C PRO D 43 26.45 -48.79 -7.92
N ASP D 44 27.24 -49.73 -8.42
CA ASP D 44 28.69 -49.56 -8.54
C ASP D 44 29.01 -48.72 -9.78
N GLU D 45 30.31 -48.53 -10.04
CA GLU D 45 30.74 -47.70 -11.16
C GLU D 45 30.34 -48.28 -12.52
N ALA D 46 30.10 -49.58 -12.60
CA ALA D 46 29.72 -50.21 -13.86
C ALA D 46 28.21 -50.30 -14.03
N GLY D 47 27.43 -49.73 -13.11
CA GLY D 47 25.99 -49.73 -13.23
C GLY D 47 25.30 -50.97 -12.75
N ARG D 48 25.99 -51.86 -12.03
CA ARG D 48 25.37 -53.09 -11.56
C ARG D 48 24.62 -52.84 -10.26
N TYR D 49 23.39 -53.35 -10.18
CA TYR D 49 22.58 -53.23 -8.97
C TYR D 49 21.97 -54.59 -8.63
N SER D 50 21.81 -54.84 -7.34
CA SER D 50 21.20 -56.07 -6.86
C SER D 50 20.58 -55.81 -5.49
N MET D 51 19.29 -56.13 -5.35
CA MET D 51 18.56 -55.93 -4.11
C MET D 51 17.72 -57.16 -3.81
N ASP D 52 17.39 -57.32 -2.53
CA ASP D 52 16.47 -58.36 -2.05
C ASP D 52 15.20 -57.66 -1.61
N VAL D 53 14.11 -57.89 -2.34
CA VAL D 53 12.87 -57.13 -2.17
C VAL D 53 11.82 -58.04 -1.55
N GLU D 54 11.24 -57.58 -0.44
CA GLU D 54 10.10 -58.26 0.14
C GLU D 54 8.84 -57.97 -0.67
N TYR D 55 7.96 -58.97 -0.76
CA TYR D 55 6.80 -58.89 -1.63
C TYR D 55 5.85 -57.80 -1.16
N GLY D 56 5.12 -57.22 -2.12
CA GLY D 56 4.19 -56.16 -1.84
C GLY D 56 4.14 -55.17 -2.98
N GLN D 57 3.65 -53.97 -2.68
CA GLN D 57 3.53 -52.90 -3.68
C GLN D 57 4.50 -51.78 -3.35
N TYR D 58 5.29 -51.35 -4.33
CA TYR D 58 6.30 -50.33 -4.12
C TYR D 58 6.23 -49.31 -5.24
N SER D 59 6.66 -48.10 -4.95
CA SER D 59 6.87 -47.07 -5.97
C SER D 59 8.36 -46.85 -6.10
N VAL D 60 8.89 -47.02 -7.32
CA VAL D 60 10.32 -46.92 -7.53
C VAL D 60 10.68 -45.46 -7.82
N ILE D 61 11.71 -44.97 -7.15
CA ILE D 61 12.23 -43.63 -7.40
C ILE D 61 13.72 -43.75 -7.69
N LEU D 62 14.18 -43.01 -8.69
CA LEU D 62 15.56 -43.11 -9.17
C LEU D 62 16.16 -41.70 -9.07
N GLN D 63 17.02 -41.50 -8.07
CA GLN D 63 17.53 -40.18 -7.76
C GLN D 63 18.97 -40.08 -8.23
N VAL D 64 19.24 -39.10 -9.08
CA VAL D 64 20.57 -38.80 -9.56
C VAL D 64 20.87 -37.35 -9.21
N ASP D 65 22.15 -37.06 -8.93
CA ASP D 65 22.53 -35.68 -8.67
C ASP D 65 22.46 -34.88 -9.96
N GLY D 66 21.32 -34.26 -10.20
CA GLY D 66 20.98 -33.74 -11.50
C GLY D 66 19.47 -33.55 -11.58
N PHE D 67 18.83 -34.16 -12.58
CA PHE D 67 17.38 -34.14 -12.71
C PHE D 67 16.71 -34.45 -11.38
N PRO D 68 15.56 -33.84 -11.09
CA PRO D 68 14.82 -34.19 -9.87
C PRO D 68 14.47 -35.67 -9.85
N PRO D 69 14.12 -36.22 -8.68
CA PRO D 69 13.79 -37.64 -8.59
C PRO D 69 12.79 -38.11 -9.64
N SER D 70 13.21 -39.04 -10.48
CA SER D 70 12.41 -39.48 -11.62
C SER D 70 11.54 -40.66 -11.21
N HIS D 71 10.23 -40.45 -11.19
CA HIS D 71 9.29 -41.49 -10.80
C HIS D 71 9.19 -42.51 -11.92
N ALA D 72 9.94 -43.60 -11.79
CA ALA D 72 9.90 -44.65 -12.80
C ALA D 72 8.53 -45.33 -12.86
N GLY D 73 7.84 -45.47 -11.73
CA GLY D 73 6.54 -46.11 -11.72
C GLY D 73 6.26 -46.95 -10.50
N THR D 74 5.26 -47.82 -10.59
CA THR D 74 4.89 -48.71 -9.51
C THR D 74 5.21 -50.16 -9.88
N ILE D 75 5.83 -50.87 -8.95
CA ILE D 75 6.12 -52.28 -9.13
C ILE D 75 5.37 -53.06 -8.07
N THR D 76 5.03 -54.30 -8.40
CA THR D 76 4.32 -55.18 -7.47
C THR D 76 4.92 -56.56 -7.52
N VAL D 77 5.17 -57.13 -6.35
CA VAL D 77 5.80 -58.44 -6.21
C VAL D 77 4.81 -59.33 -5.48
N TYR D 78 4.16 -60.24 -6.20
CA TYR D 78 3.33 -61.27 -5.60
C TYR D 78 4.23 -62.39 -5.08
N GLU D 79 3.61 -63.46 -4.57
CA GLU D 79 4.35 -64.68 -4.26
C GLU D 79 4.30 -65.67 -5.43
N ASP D 80 4.62 -65.17 -6.62
CA ASP D 80 4.89 -66.04 -7.76
C ASP D 80 6.01 -65.51 -8.64
N SER D 81 6.52 -64.31 -8.39
CA SER D 81 7.51 -63.70 -9.27
C SER D 81 8.84 -64.42 -9.15
N GLN D 82 9.56 -64.45 -10.26
CA GLN D 82 10.89 -65.05 -10.37
C GLN D 82 11.94 -63.95 -10.44
N PRO D 83 13.17 -64.23 -10.01
CA PRO D 83 14.21 -63.19 -10.04
C PRO D 83 14.42 -62.65 -11.45
N GLY D 84 14.65 -61.35 -11.53
CA GLY D 84 14.82 -60.69 -12.81
C GLY D 84 15.39 -59.30 -12.65
N THR D 85 15.17 -58.44 -13.64
CA THR D 85 15.64 -57.07 -13.61
C THR D 85 14.51 -56.12 -13.32
N LEU D 86 14.86 -54.95 -12.78
CA LEU D 86 13.87 -53.96 -12.39
C LEU D 86 13.09 -53.45 -13.61
N ASN D 87 13.74 -53.40 -14.77
CA ASN D 87 13.06 -52.92 -15.97
C ASN D 87 11.88 -53.79 -16.35
N ASP D 88 12.00 -55.11 -16.19
CA ASP D 88 10.87 -55.99 -16.46
C ASP D 88 9.72 -55.73 -15.49
N PHE D 89 10.03 -55.49 -14.22
CA PHE D 89 8.98 -55.18 -13.26
C PHE D 89 8.28 -53.87 -13.61
N LEU D 90 9.03 -52.86 -14.04
CA LEU D 90 8.39 -51.63 -14.48
C LEU D 90 7.53 -51.87 -15.70
N CYS D 91 8.02 -52.66 -16.65
CA CYS D 91 7.34 -52.89 -17.92
C CYS D 91 6.30 -54.01 -17.86
N ALA D 92 6.18 -54.70 -16.72
CA ALA D 92 5.26 -55.82 -16.62
C ALA D 92 3.81 -55.37 -16.77
N MET D 93 2.99 -56.24 -17.34
CA MET D 93 1.57 -55.97 -17.52
C MET D 93 0.88 -56.01 -16.16
N THR D 94 0.47 -54.84 -15.67
CA THR D 94 -0.17 -54.74 -14.37
C THR D 94 -1.67 -55.04 -14.49
N MET E 1 19.73 -54.47 -28.84
CA MET E 1 21.05 -54.09 -29.34
C MET E 1 21.06 -52.67 -29.86
N ALA E 2 22.15 -51.95 -29.59
CA ALA E 2 22.26 -50.52 -29.86
C ALA E 2 22.57 -50.29 -31.33
N VAL E 3 21.68 -49.58 -32.02
CA VAL E 3 21.94 -49.15 -33.38
C VAL E 3 23.04 -48.09 -33.38
N LYS E 4 23.95 -48.17 -34.34
CA LYS E 4 25.01 -47.19 -34.48
C LYS E 4 24.49 -45.98 -35.25
N ILE E 5 24.62 -44.81 -34.66
CA ILE E 5 24.18 -43.55 -35.26
C ILE E 5 25.42 -42.67 -35.40
N SER E 6 25.84 -42.43 -36.63
CA SER E 6 27.09 -41.73 -36.89
C SER E 6 26.89 -40.68 -37.95
N GLY E 7 27.72 -39.63 -37.89
CA GLY E 7 27.70 -38.64 -38.95
C GLY E 7 28.44 -37.38 -38.55
N VAL E 8 28.19 -36.33 -39.32
CA VAL E 8 28.75 -35.00 -39.08
C VAL E 8 27.59 -34.02 -38.97
N LEU E 9 27.73 -33.04 -38.10
CA LEU E 9 26.63 -32.13 -37.76
C LEU E 9 27.11 -30.70 -37.96
N LYS E 10 26.68 -30.08 -39.05
CA LYS E 10 27.12 -28.75 -39.43
C LYS E 10 25.94 -27.77 -39.37
N ASP E 11 26.24 -26.49 -39.54
CA ASP E 11 25.22 -25.45 -39.51
C ASP E 11 24.77 -25.11 -40.92
N GLY E 12 23.96 -24.06 -41.02
CA GLY E 12 23.34 -23.75 -42.30
C GLY E 12 24.33 -23.36 -43.39
N THR E 13 25.41 -22.70 -43.01
CA THR E 13 26.38 -22.19 -43.98
C THR E 13 27.47 -23.19 -44.32
N GLY E 14 27.40 -24.41 -43.80
CA GLY E 14 28.36 -25.43 -44.15
C GLY E 14 29.59 -25.52 -43.27
N LYS E 15 29.52 -25.03 -42.04
CA LYS E 15 30.64 -25.15 -41.13
C LYS E 15 30.30 -26.06 -39.96
N PRO E 16 31.27 -26.75 -39.38
CA PRO E 16 31.01 -27.50 -38.15
C PRO E 16 30.77 -26.56 -36.97
N VAL E 17 30.00 -27.04 -36.01
CA VAL E 17 29.65 -26.28 -34.82
C VAL E 17 30.48 -26.79 -33.66
N GLN E 18 31.06 -25.87 -32.89
CA GLN E 18 31.93 -26.21 -31.79
C GLN E 18 31.22 -26.01 -30.46
N ASN E 19 31.78 -26.60 -29.41
CA ASN E 19 31.24 -26.52 -28.05
C ASN E 19 29.82 -27.05 -27.99
N CYS E 20 29.47 -27.98 -28.86
CA CYS E 20 28.12 -28.51 -28.92
C CYS E 20 27.96 -29.70 -28.00
N THR E 21 26.70 -30.11 -27.78
CA THR E 21 26.39 -31.26 -26.95
C THR E 21 25.05 -31.83 -27.39
N ILE E 22 25.01 -33.14 -27.61
CA ILE E 22 23.80 -33.84 -28.03
C ILE E 22 23.29 -34.64 -26.85
N GLN E 23 22.05 -34.39 -26.44
CA GLN E 23 21.45 -35.08 -25.31
C GLN E 23 20.26 -35.90 -25.78
N LEU E 24 20.21 -37.15 -25.35
CA LEU E 24 19.06 -38.02 -25.58
C LEU E 24 18.37 -38.25 -24.25
N LYS E 25 17.08 -37.92 -24.19
CA LYS E 25 16.27 -38.11 -23.00
C LYS E 25 15.18 -39.14 -23.29
N ALA E 26 15.16 -40.22 -22.53
CA ALA E 26 14.23 -41.33 -22.78
C ALA E 26 12.87 -40.95 -22.20
N ARG E 27 11.90 -40.72 -23.10
CA ARG E 27 10.59 -40.28 -22.65
C ARG E 27 9.69 -41.43 -22.21
N ARG E 28 10.03 -42.66 -22.58
CA ARG E 28 9.26 -43.83 -22.16
C ARG E 28 10.22 -44.96 -21.87
N ASN E 29 10.08 -45.56 -20.69
CA ASN E 29 11.03 -46.57 -20.24
C ASN E 29 10.92 -47.84 -21.06
N SER E 30 12.07 -48.48 -21.29
CA SER E 30 12.13 -49.67 -22.10
C SER E 30 12.71 -50.83 -21.29
N THR E 31 12.90 -51.98 -21.94
CA THR E 31 13.44 -53.13 -21.22
C THR E 31 14.90 -52.94 -20.85
N THR E 32 15.56 -51.92 -21.40
CA THR E 32 16.97 -51.68 -21.13
C THR E 32 17.28 -50.27 -20.66
N VAL E 33 16.35 -49.33 -20.81
CA VAL E 33 16.57 -47.94 -20.43
C VAL E 33 15.40 -47.48 -19.57
N VAL E 34 15.71 -46.87 -18.43
CA VAL E 34 14.69 -46.35 -17.52
C VAL E 34 14.31 -44.95 -17.94
N VAL E 35 13.07 -44.56 -17.65
CA VAL E 35 12.52 -43.30 -18.13
C VAL E 35 13.24 -42.12 -17.48
N ASN E 36 13.31 -41.01 -18.22
CA ASN E 36 13.87 -39.75 -17.74
C ASN E 36 15.36 -39.89 -17.40
N THR E 37 16.10 -40.53 -18.30
CA THR E 37 17.54 -40.65 -18.16
C THR E 37 18.22 -40.07 -19.39
N VAL E 38 19.19 -39.19 -19.18
CA VAL E 38 19.79 -38.44 -20.27
C VAL E 38 21.18 -39.01 -20.58
N GLY E 39 21.52 -39.00 -21.86
CA GLY E 39 22.84 -39.40 -22.30
C GLY E 39 23.43 -38.38 -23.26
N SER E 40 24.68 -37.96 -23.03
CA SER E 40 25.27 -36.89 -23.83
C SER E 40 26.76 -37.12 -24.04
N GLU E 41 27.22 -36.70 -25.22
CA GLU E 41 28.65 -36.71 -25.54
C GLU E 41 28.97 -35.39 -26.23
N ASN E 42 30.20 -34.91 -26.11
CA ASN E 42 30.59 -33.75 -26.90
C ASN E 42 31.17 -34.20 -28.24
N PRO E 43 30.64 -33.70 -29.36
CA PRO E 43 31.25 -33.99 -30.66
C PRO E 43 32.65 -33.40 -30.74
N ASP E 44 33.45 -33.96 -31.63
CA ASP E 44 34.84 -33.54 -31.76
C ASP E 44 34.93 -32.16 -32.41
N GLU E 45 36.17 -31.70 -32.61
CA GLU E 45 36.40 -30.39 -33.19
C GLU E 45 35.91 -30.27 -34.63
N ALA E 46 35.77 -31.39 -35.34
CA ALA E 46 35.30 -31.39 -36.71
C ALA E 46 33.80 -31.65 -36.83
N GLY E 47 33.09 -31.69 -35.71
CA GLY E 47 31.65 -31.90 -35.76
C GLY E 47 31.22 -33.32 -36.03
N ARG E 48 32.05 -34.31 -35.73
CA ARG E 48 31.74 -35.70 -36.01
C ARG E 48 31.26 -36.38 -34.73
N TYR E 49 30.19 -37.16 -34.85
CA TYR E 49 29.59 -37.84 -33.71
C TYR E 49 29.27 -39.30 -34.06
N SER E 50 29.33 -40.15 -33.04
CA SER E 50 29.08 -41.58 -33.17
C SER E 50 28.43 -42.05 -31.88
N MET E 51 27.37 -42.85 -32.00
CA MET E 51 26.52 -43.21 -30.88
C MET E 51 26.10 -44.67 -30.99
N ASP E 52 25.97 -45.33 -29.83
CA ASP E 52 25.37 -46.66 -29.74
C ASP E 52 24.06 -46.50 -28.98
N VAL E 53 22.96 -46.35 -29.71
CA VAL E 53 21.68 -45.96 -29.14
C VAL E 53 20.83 -47.19 -28.92
N GLU E 54 20.36 -47.38 -27.69
CA GLU E 54 19.45 -48.47 -27.39
C GLU E 54 18.06 -48.17 -27.95
N TYR E 55 17.31 -49.24 -28.21
CA TYR E 55 16.00 -49.09 -28.84
C TYR E 55 15.03 -48.37 -27.92
N GLY E 56 14.06 -47.70 -28.52
CA GLY E 56 13.08 -46.94 -27.75
C GLY E 56 12.79 -45.58 -28.32
N GLN E 57 12.05 -44.75 -27.57
CA GLN E 57 11.66 -43.43 -28.02
C GLN E 57 12.37 -42.37 -27.19
N TYR E 58 13.04 -41.43 -27.85
CA TYR E 58 13.83 -40.42 -27.15
C TYR E 58 13.51 -39.04 -27.69
N SER E 59 13.79 -38.03 -26.86
CA SER E 59 13.73 -36.63 -27.25
C SER E 59 15.15 -36.11 -27.34
N VAL E 60 15.45 -35.35 -28.39
CA VAL E 60 16.81 -34.90 -28.69
C VAL E 60 16.94 -33.44 -28.30
N ILE E 61 18.02 -33.11 -27.60
CA ILE E 61 18.31 -31.74 -27.19
C ILE E 61 19.68 -31.36 -27.73
N LEU E 62 19.75 -30.20 -28.37
CA LEU E 62 21.02 -29.63 -28.82
C LEU E 62 21.40 -28.50 -27.89
N GLN E 63 22.59 -28.58 -27.31
CA GLN E 63 23.04 -27.57 -26.36
C GLN E 63 24.33 -26.96 -26.88
N VAL E 64 24.34 -25.64 -27.01
CA VAL E 64 25.51 -24.92 -27.50
C VAL E 64 25.95 -23.94 -26.42
N ASP E 65 27.26 -23.74 -26.32
CA ASP E 65 27.82 -22.90 -25.27
C ASP E 65 27.44 -21.46 -25.54
N GLY E 66 26.38 -20.99 -24.88
CA GLY E 66 25.94 -19.62 -25.03
C GLY E 66 24.48 -19.48 -25.43
N PHE E 67 24.01 -20.34 -26.33
CA PHE E 67 22.62 -20.26 -26.74
C PHE E 67 21.74 -21.09 -25.79
N PRO E 68 20.46 -20.75 -25.68
CA PRO E 68 19.57 -21.56 -24.87
C PRO E 68 19.36 -22.93 -25.49
N PRO E 69 19.02 -23.95 -24.70
CA PRO E 69 18.91 -25.31 -25.25
C PRO E 69 17.90 -25.37 -26.38
N SER E 70 18.28 -26.06 -27.45
CA SER E 70 17.43 -26.25 -28.61
C SER E 70 16.70 -27.58 -28.52
N HIS E 71 15.47 -27.61 -29.01
CA HIS E 71 14.62 -28.79 -28.97
C HIS E 71 14.48 -29.30 -30.39
N ALA E 72 15.41 -30.17 -30.80
CA ALA E 72 15.44 -30.63 -32.18
C ALA E 72 14.19 -31.43 -32.53
N GLY E 73 13.75 -32.31 -31.65
CA GLY E 73 12.57 -33.13 -31.93
C GLY E 73 12.62 -34.44 -31.17
N THR E 74 11.95 -35.44 -31.73
CA THR E 74 11.83 -36.75 -31.11
C THR E 74 12.17 -37.85 -32.12
N ILE E 75 12.98 -38.81 -31.71
CA ILE E 75 13.36 -39.94 -32.54
C ILE E 75 12.80 -41.20 -31.91
N THR E 76 12.66 -42.24 -32.73
CA THR E 76 12.15 -43.53 -32.26
C THR E 76 12.94 -44.65 -32.96
N VAL E 77 13.85 -45.26 -32.23
CA VAL E 77 14.64 -46.36 -32.75
C VAL E 77 13.88 -47.66 -32.54
N TYR E 78 13.46 -48.28 -33.64
CA TYR E 78 12.77 -49.55 -33.62
C TYR E 78 13.80 -50.68 -33.63
N GLU E 79 13.32 -51.89 -33.88
CA GLU E 79 14.21 -53.04 -34.02
C GLU E 79 14.62 -53.30 -35.46
N ASP E 80 13.92 -52.70 -36.43
CA ASP E 80 14.25 -52.84 -37.84
C ASP E 80 15.08 -51.68 -38.36
N SER E 81 15.57 -50.82 -37.49
CA SER E 81 16.32 -49.64 -37.91
C SER E 81 17.72 -50.03 -38.37
N GLN E 82 18.31 -49.16 -39.18
CA GLN E 82 19.62 -49.36 -39.76
C GLN E 82 20.51 -48.19 -39.42
N PRO E 83 21.84 -48.38 -39.40
CA PRO E 83 22.73 -47.28 -39.07
C PRO E 83 22.59 -46.12 -40.04
N GLY E 84 22.76 -44.92 -39.51
CA GLY E 84 22.64 -43.72 -40.32
C GLY E 84 22.83 -42.48 -39.46
N THR E 85 22.76 -41.33 -40.12
CA THR E 85 22.91 -40.06 -39.44
C THR E 85 21.69 -39.79 -38.56
N LEU E 86 21.90 -39.01 -37.50
CA LEU E 86 20.80 -38.61 -36.65
C LEU E 86 19.81 -37.74 -37.41
N ASN E 87 20.29 -36.96 -38.38
CA ASN E 87 19.45 -36.00 -39.08
C ASN E 87 18.28 -36.68 -39.79
N ASP E 88 18.45 -37.93 -40.21
CA ASP E 88 17.36 -38.65 -40.86
C ASP E 88 16.26 -39.00 -39.86
N PHE E 89 16.65 -39.38 -38.64
CA PHE E 89 15.66 -39.86 -37.68
C PHE E 89 14.61 -38.80 -37.35
N LEU E 90 15.03 -37.54 -37.21
CA LEU E 90 14.05 -36.49 -37.00
C LEU E 90 13.17 -36.30 -38.23
N CYS E 91 13.74 -36.44 -39.42
CA CYS E 91 13.02 -36.21 -40.66
C CYS E 91 12.24 -37.42 -41.15
N ALA E 92 12.37 -38.56 -40.48
CA ALA E 92 11.63 -39.75 -40.89
C ALA E 92 10.14 -39.55 -40.68
N MET E 93 9.35 -40.19 -41.54
CA MET E 93 7.89 -40.07 -41.46
C MET E 93 7.39 -40.69 -40.17
N THR E 94 6.41 -40.03 -39.55
CA THR E 94 5.85 -40.51 -38.29
C THR E 94 4.34 -40.70 -38.40
N MET F 1 24.95 -30.92 -51.77
CA MET F 1 25.92 -29.94 -52.25
C MET F 1 25.61 -28.54 -51.72
N ALA F 2 26.59 -27.66 -51.78
CA ALA F 2 26.49 -26.32 -51.21
C ALA F 2 26.30 -25.31 -52.33
N VAL F 3 25.22 -24.53 -52.25
CA VAL F 3 24.99 -23.45 -53.20
C VAL F 3 25.80 -22.24 -52.76
N LYS F 4 26.61 -21.71 -53.67
CA LYS F 4 27.43 -20.55 -53.37
C LYS F 4 26.61 -19.28 -53.52
N ILE F 5 26.62 -18.45 -52.49
CA ILE F 5 25.88 -17.19 -52.48
C ILE F 5 26.89 -16.07 -52.24
N SER F 6 27.06 -15.21 -53.23
CA SER F 6 28.09 -14.18 -53.16
C SER F 6 27.51 -12.85 -53.63
N GLY F 7 28.15 -11.77 -53.18
CA GLY F 7 27.72 -10.46 -53.63
C GLY F 7 28.35 -9.36 -52.77
N VAL F 8 27.81 -8.16 -52.95
CA VAL F 8 28.26 -6.97 -52.23
C VAL F 8 27.05 -6.33 -51.56
N LEU F 9 27.24 -5.97 -50.30
CA LEU F 9 26.16 -5.48 -49.44
C LEU F 9 26.27 -3.96 -49.35
N LYS F 10 25.42 -3.25 -50.08
CA LYS F 10 25.41 -1.80 -50.12
C LYS F 10 24.16 -1.25 -49.45
N ASP F 11 24.34 -0.13 -48.74
CA ASP F 11 23.21 0.54 -48.12
C ASP F 11 22.51 1.42 -49.15
N GLY F 12 21.60 2.27 -48.69
CA GLY F 12 20.78 3.04 -49.60
C GLY F 12 21.47 4.15 -50.35
N THR F 13 22.69 4.54 -49.95
CA THR F 13 23.41 5.63 -50.59
C THR F 13 24.60 5.12 -51.41
N GLY F 14 24.54 3.87 -51.86
CA GLY F 14 25.61 3.33 -52.69
C GLY F 14 26.95 3.23 -51.98
N LYS F 15 26.95 2.77 -50.73
CA LYS F 15 28.16 2.62 -49.94
C LYS F 15 28.17 1.25 -49.27
N PRO F 16 29.34 0.68 -49.05
CA PRO F 16 29.41 -0.58 -48.31
C PRO F 16 29.06 -0.39 -46.85
N VAL F 17 28.49 -1.45 -46.26
CA VAL F 17 28.15 -1.46 -44.84
C VAL F 17 29.24 -2.20 -44.09
N GLN F 18 29.75 -1.59 -43.03
CA GLN F 18 30.83 -2.18 -42.25
C GLN F 18 30.31 -2.64 -40.89
N ASN F 19 31.11 -3.47 -40.24
CA ASN F 19 30.78 -4.04 -38.93
C ASN F 19 29.55 -4.94 -38.99
N CYS F 20 29.23 -5.41 -40.19
CA CYS F 20 27.99 -6.15 -40.42
C CYS F 20 28.14 -7.61 -39.99
N THR F 21 27.03 -8.34 -40.04
CA THR F 21 27.01 -9.76 -39.74
C THR F 21 25.72 -10.35 -40.28
N ILE F 22 25.83 -11.44 -41.05
CA ILE F 22 24.68 -12.12 -41.62
C ILE F 22 24.53 -13.48 -40.95
N GLN F 23 23.34 -13.74 -40.42
CA GLN F 23 23.07 -15.00 -39.74
C GLN F 23 21.93 -15.72 -40.44
N LEU F 24 22.09 -17.03 -40.59
CA LEU F 24 21.10 -17.89 -41.24
C LEU F 24 20.53 -18.83 -40.18
N LYS F 25 19.32 -18.55 -39.73
CA LYS F 25 18.64 -19.34 -38.72
C LYS F 25 17.82 -20.43 -39.41
N ALA F 26 18.24 -21.69 -39.28
CA ALA F 26 17.49 -22.79 -39.87
C ALA F 26 16.18 -22.98 -39.13
N ARG F 27 15.08 -23.04 -39.89
CA ARG F 27 13.74 -23.11 -39.30
C ARG F 27 13.05 -24.44 -39.52
N ARG F 28 13.61 -25.34 -40.32
CA ARG F 28 13.00 -26.63 -40.57
C ARG F 28 14.09 -27.67 -40.74
N ASN F 29 13.89 -28.83 -40.11
CA ASN F 29 14.87 -29.91 -40.19
C ASN F 29 15.10 -30.30 -41.64
N SER F 30 16.37 -30.40 -42.02
CA SER F 30 16.78 -30.82 -43.35
C SER F 30 17.60 -32.09 -43.24
N THR F 31 17.94 -32.66 -44.39
CA THR F 31 18.74 -33.87 -44.41
C THR F 31 20.19 -33.62 -43.99
N THR F 32 20.60 -32.36 -43.86
CA THR F 32 21.98 -32.05 -43.51
C THR F 32 22.13 -30.98 -42.44
N VAL F 33 21.08 -30.29 -42.05
CA VAL F 33 21.15 -29.21 -41.08
C VAL F 33 20.08 -29.41 -40.02
N VAL F 34 20.47 -29.34 -38.76
CA VAL F 34 19.53 -29.51 -37.65
C VAL F 34 18.80 -28.19 -37.40
N VAL F 35 17.57 -28.28 -36.91
CA VAL F 35 16.75 -27.09 -36.72
C VAL F 35 17.34 -26.21 -35.61
N ASN F 36 17.11 -24.90 -35.74
CA ASN F 36 17.58 -23.90 -34.78
C ASN F 36 19.11 -23.89 -34.68
N THR F 37 19.76 -23.61 -35.80
CA THR F 37 21.21 -23.47 -35.85
C THR F 37 21.55 -22.22 -36.65
N VAL F 38 22.55 -21.47 -36.19
CA VAL F 38 22.92 -20.22 -36.82
C VAL F 38 24.34 -20.29 -37.33
N GLY F 39 24.56 -19.69 -38.50
CA GLY F 39 25.89 -19.59 -39.06
C GLY F 39 26.19 -18.19 -39.55
N SER F 40 27.20 -17.55 -38.99
CA SER F 40 27.52 -16.17 -39.30
C SER F 40 28.56 -16.09 -40.41
N GLU F 41 28.63 -14.92 -41.04
CA GLU F 41 29.65 -14.65 -42.06
C GLU F 41 29.86 -13.15 -42.12
N ASN F 42 30.95 -12.66 -41.52
CA ASN F 42 31.21 -11.23 -41.45
C ASN F 42 31.81 -10.75 -42.77
N PRO F 43 31.20 -9.79 -43.45
CA PRO F 43 31.78 -9.26 -44.69
C PRO F 43 33.05 -8.46 -44.40
N ASP F 44 33.81 -8.22 -45.46
CA ASP F 44 35.04 -7.45 -45.38
C ASP F 44 34.72 -5.96 -45.40
N GLU F 45 35.76 -5.11 -45.40
CA GLU F 45 35.56 -3.67 -45.38
C GLU F 45 34.91 -3.14 -46.65
N ALA F 46 34.98 -3.88 -47.75
CA ALA F 46 34.39 -3.44 -49.01
C ALA F 46 32.99 -4.00 -49.23
N GLY F 47 32.46 -4.75 -48.26
CA GLY F 47 31.10 -5.25 -48.36
C GLY F 47 30.93 -6.54 -49.12
N ARG F 48 32.00 -7.24 -49.44
CA ARG F 48 31.89 -8.50 -50.17
C ARG F 48 31.58 -9.65 -49.22
N TYR F 49 30.64 -10.50 -49.60
CA TYR F 49 30.31 -11.70 -48.85
C TYR F 49 30.20 -12.88 -49.81
N SER F 50 30.52 -14.07 -49.29
CA SER F 50 30.45 -15.30 -50.08
C SER F 50 30.32 -16.47 -49.12
N MET F 51 29.18 -17.17 -49.19
CA MET F 51 28.88 -18.28 -48.31
C MET F 51 28.51 -19.50 -49.14
N ASP F 52 28.35 -20.63 -48.44
CA ASP F 52 28.20 -21.94 -49.07
C ASP F 52 26.97 -22.67 -48.55
N VAL F 53 25.80 -22.03 -48.65
CA VAL F 53 24.65 -22.47 -47.87
C VAL F 53 24.18 -23.84 -48.36
N GLU F 54 23.60 -24.60 -47.44
CA GLU F 54 22.95 -25.86 -47.75
C GLU F 54 21.47 -25.62 -48.05
N TYR F 55 20.84 -26.62 -48.67
CA TYR F 55 19.44 -26.51 -49.06
C TYR F 55 18.53 -26.61 -47.84
N GLY F 56 17.41 -25.91 -47.89
CA GLY F 56 16.45 -25.89 -46.82
C GLY F 56 15.73 -24.56 -46.76
N GLN F 57 15.19 -24.27 -45.58
CA GLN F 57 14.53 -23.00 -45.30
C GLN F 57 15.30 -22.27 -44.21
N TYR F 58 15.56 -20.99 -44.42
CA TYR F 58 16.36 -20.20 -43.49
C TYR F 58 15.72 -18.85 -43.28
N SER F 59 15.97 -18.27 -42.11
CA SER F 59 15.60 -16.90 -41.80
C SER F 59 16.87 -16.07 -41.73
N VAL F 60 16.90 -14.96 -42.47
CA VAL F 60 18.11 -14.15 -42.57
C VAL F 60 18.04 -13.02 -41.57
N ILE F 61 19.08 -12.88 -40.76
CA ILE F 61 19.17 -11.86 -39.73
C ILE F 61 20.38 -11.00 -40.01
N LEU F 62 20.21 -9.68 -39.96
CA LEU F 62 21.27 -8.75 -40.33
C LEU F 62 21.61 -7.91 -39.09
N GLN F 63 22.78 -8.16 -38.52
CA GLN F 63 23.20 -7.51 -37.27
C GLN F 63 24.32 -6.53 -37.58
N VAL F 64 24.11 -5.26 -37.25
CA VAL F 64 25.01 -4.20 -37.69
C VAL F 64 25.47 -3.35 -36.50
N ASP F 65 25.60 -3.97 -35.33
CA ASP F 65 25.95 -3.35 -34.05
C ASP F 65 25.30 -1.99 -33.84
N GLY F 66 23.98 -1.98 -33.81
CA GLY F 66 23.19 -0.76 -33.87
C GLY F 66 21.74 -1.14 -33.83
N PHE F 67 20.97 -0.67 -34.80
CA PHE F 67 19.58 -1.07 -35.00
C PHE F 67 19.44 -2.57 -34.80
N PRO F 68 18.36 -3.03 -34.18
CA PRO F 68 18.27 -4.44 -33.79
C PRO F 68 18.26 -5.35 -35.00
N PRO F 69 18.42 -6.66 -34.80
CA PRO F 69 18.42 -7.60 -35.93
C PRO F 69 17.21 -7.41 -36.82
N SER F 70 17.45 -7.36 -38.13
CA SER F 70 16.42 -7.07 -39.13
C SER F 70 16.05 -8.36 -39.83
N HIS F 71 14.85 -8.86 -39.55
CA HIS F 71 14.37 -10.09 -40.17
C HIS F 71 14.03 -9.77 -41.63
N ALA F 72 15.00 -9.99 -42.52
CA ALA F 72 14.78 -9.66 -43.92
C ALA F 72 13.70 -10.54 -44.55
N GLY F 73 13.71 -11.83 -44.25
CA GLY F 73 12.72 -12.74 -44.78
C GLY F 73 13.25 -14.15 -44.82
N THR F 74 12.39 -15.07 -45.21
CA THR F 74 12.74 -16.49 -45.28
C THR F 74 13.15 -16.85 -46.70
N ILE F 75 14.29 -17.53 -46.80
CA ILE F 75 14.78 -17.98 -48.10
C ILE F 75 14.74 -19.50 -48.15
N THR F 76 14.27 -20.04 -49.26
CA THR F 76 14.29 -21.48 -49.51
C THR F 76 15.24 -21.77 -50.66
N VAL F 77 16.24 -22.62 -50.39
CA VAL F 77 17.22 -23.00 -51.40
C VAL F 77 16.70 -24.30 -51.99
N TYR F 78 15.83 -24.18 -53.00
CA TYR F 78 15.30 -25.34 -53.70
C TYR F 78 16.41 -26.03 -54.47
N GLU F 79 16.32 -27.36 -54.60
CA GLU F 79 17.37 -28.08 -55.29
C GLU F 79 17.19 -28.01 -56.79
N ASP F 80 16.98 -26.81 -57.31
CA ASP F 80 17.11 -26.51 -58.72
C ASP F 80 17.73 -25.14 -58.93
N SER F 81 18.25 -24.51 -57.88
CA SER F 81 18.72 -23.13 -57.94
C SER F 81 20.14 -23.07 -58.48
N GLN F 82 20.53 -21.87 -58.89
CA GLN F 82 21.86 -21.55 -59.41
C GLN F 82 22.45 -20.43 -58.57
N PRO F 83 23.78 -20.36 -58.47
CA PRO F 83 24.39 -19.38 -57.56
C PRO F 83 24.03 -17.95 -57.94
N GLY F 84 23.84 -17.13 -56.93
CA GLY F 84 23.48 -15.75 -57.13
C GLY F 84 23.80 -14.92 -55.90
N THR F 85 23.14 -13.76 -55.80
CA THR F 85 23.31 -12.88 -54.67
C THR F 85 22.19 -13.09 -53.67
N LEU F 86 22.41 -12.59 -52.45
CA LEU F 86 21.43 -12.77 -51.37
C LEU F 86 20.11 -12.08 -51.69
N ASN F 87 20.17 -10.91 -52.31
CA ASN F 87 18.97 -10.12 -52.56
C ASN F 87 18.01 -10.82 -53.51
N ASP F 88 18.53 -11.64 -54.43
CA ASP F 88 17.65 -12.37 -55.35
C ASP F 88 16.74 -13.33 -54.60
N PHE F 89 17.27 -14.03 -53.59
CA PHE F 89 16.46 -14.94 -52.80
C PHE F 89 15.39 -14.19 -52.02
N LEU F 90 15.73 -13.03 -51.45
CA LEU F 90 14.71 -12.24 -50.78
C LEU F 90 13.63 -11.80 -51.77
N CYS F 91 14.03 -11.29 -52.94
CA CYS F 91 13.10 -10.78 -53.94
C CYS F 91 12.44 -11.87 -54.76
N ALA F 92 12.89 -13.13 -54.62
CA ALA F 92 12.34 -14.20 -55.44
C ALA F 92 10.88 -14.43 -55.11
N MET F 93 10.13 -14.85 -56.13
CA MET F 93 8.70 -15.16 -55.97
C MET F 93 8.58 -16.52 -55.28
N THR F 94 8.36 -16.49 -53.97
CA THR F 94 8.25 -17.72 -53.20
C THR F 94 6.90 -18.38 -53.43
N MET G 1 21.64 1.10 -61.22
CA MET G 1 22.18 2.46 -61.33
C MET G 1 21.79 3.32 -60.13
N ALA G 2 22.45 4.47 -60.00
CA ALA G 2 22.25 5.38 -58.87
C ALA G 2 21.84 6.74 -59.39
N VAL G 3 20.77 7.29 -58.84
CA VAL G 3 20.33 8.64 -59.17
C VAL G 3 21.12 9.63 -58.31
N LYS G 4 21.50 10.76 -58.91
CA LYS G 4 22.25 11.77 -58.19
C LYS G 4 21.28 12.72 -57.49
N ILE G 5 21.41 12.83 -56.17
CA ILE G 5 20.58 13.70 -55.36
C ILE G 5 21.49 14.83 -54.88
N SER G 6 21.22 16.04 -55.33
CA SER G 6 22.12 17.16 -55.05
C SER G 6 21.31 18.42 -54.77
N GLY G 7 21.88 19.30 -53.96
CA GLY G 7 21.24 20.58 -53.73
C GLY G 7 21.82 21.27 -52.50
N VAL G 8 21.07 22.26 -52.03
CA VAL G 8 21.42 23.02 -50.84
C VAL G 8 20.27 22.92 -49.85
N LEU G 9 20.58 22.88 -48.56
CA LEU G 9 19.59 22.68 -47.52
C LEU G 9 19.44 23.96 -46.72
N LYS G 10 18.27 24.59 -46.80
CA LYS G 10 18.02 25.88 -46.18
C LYS G 10 16.79 25.81 -45.28
N ASP G 11 16.64 26.81 -44.43
CA ASP G 11 15.50 26.93 -43.53
C ASP G 11 14.62 28.09 -43.99
N GLY G 12 13.63 28.42 -43.17
CA GLY G 12 12.65 29.43 -43.57
C GLY G 12 13.28 30.79 -43.81
N THR G 13 14.29 31.15 -43.02
CA THR G 13 14.92 32.46 -43.10
C THR G 13 16.11 32.50 -44.05
N GLY G 14 16.14 31.60 -45.04
CA GLY G 14 17.19 31.66 -46.05
C GLY G 14 18.60 31.49 -45.52
N LYS G 15 18.82 30.50 -44.67
CA LYS G 15 20.13 30.25 -44.07
C LYS G 15 20.52 28.79 -44.24
N PRO G 16 21.80 28.49 -44.32
CA PRO G 16 22.24 27.09 -44.31
C PRO G 16 21.99 26.46 -42.95
N VAL G 17 21.78 25.14 -42.96
CA VAL G 17 21.51 24.39 -41.74
C VAL G 17 22.80 23.70 -41.31
N GLN G 18 23.26 24.01 -40.11
CA GLN G 18 24.51 23.47 -39.61
C GLN G 18 24.28 22.26 -38.70
N ASN G 19 25.31 21.43 -38.59
CA ASN G 19 25.29 20.21 -37.78
C ASN G 19 24.15 19.27 -38.18
N CYS G 20 23.80 19.26 -39.46
CA CYS G 20 22.69 18.45 -39.95
C CYS G 20 23.18 17.08 -40.40
N THR G 21 22.25 16.15 -40.47
CA THR G 21 22.54 14.81 -40.97
C THR G 21 21.30 14.27 -41.67
N ILE G 22 21.49 13.82 -42.91
CA ILE G 22 20.39 13.28 -43.71
C ILE G 22 20.52 11.76 -43.71
N GLN G 23 19.45 11.08 -43.30
CA GLN G 23 19.43 9.62 -43.23
C GLN G 23 18.36 9.06 -44.15
N LEU G 24 18.73 8.07 -44.95
CA LEU G 24 17.79 7.37 -45.81
C LEU G 24 17.67 5.93 -45.31
N LYS G 25 16.47 5.52 -44.94
CA LYS G 25 16.21 4.19 -44.41
C LYS G 25 15.39 3.40 -45.43
N ALA G 26 15.93 2.25 -45.85
CA ALA G 26 15.31 1.45 -46.90
C ALA G 26 14.03 0.83 -46.36
N ARG G 27 12.89 1.29 -46.87
CA ARG G 27 11.60 0.79 -46.38
C ARG G 27 11.30 -0.61 -46.92
N ARG G 28 11.64 -0.86 -48.18
CA ARG G 28 11.38 -2.14 -48.83
C ARG G 28 12.66 -2.63 -49.49
N ASN G 29 13.05 -3.87 -49.19
CA ASN G 29 14.27 -4.42 -49.73
C ASN G 29 14.14 -4.62 -51.24
N SER G 30 15.21 -4.32 -51.96
CA SER G 30 15.24 -4.38 -53.41
C SER G 30 16.41 -5.24 -53.87
N THR G 31 16.68 -5.20 -55.17
CA THR G 31 17.74 -6.02 -55.75
C THR G 31 19.13 -5.56 -55.37
N THR G 32 19.27 -4.40 -54.73
CA THR G 32 20.59 -3.88 -54.40
C THR G 32 20.76 -3.46 -52.95
N VAL G 33 19.68 -3.11 -52.25
CA VAL G 33 19.75 -2.66 -50.87
C VAL G 33 18.85 -3.54 -50.01
N VAL G 34 19.40 -4.05 -48.91
CA VAL G 34 18.62 -4.87 -47.99
C VAL G 34 17.75 -3.98 -47.12
N VAL G 35 16.67 -4.54 -46.59
CA VAL G 35 15.70 -3.75 -45.84
C VAL G 35 16.29 -3.30 -44.51
N ASN G 36 15.74 -2.21 -43.97
CA ASN G 36 16.12 -1.67 -42.67
C ASN G 36 17.61 -1.33 -42.60
N THR G 37 18.14 -0.75 -43.67
CA THR G 37 19.51 -0.30 -43.72
C THR G 37 19.52 1.21 -43.90
N VAL G 38 20.28 1.92 -43.07
CA VAL G 38 20.30 3.37 -43.06
C VAL G 38 21.59 3.84 -43.70
N GLY G 39 21.48 4.84 -44.58
CA GLY G 39 22.65 5.49 -45.14
C GLY G 39 22.56 6.99 -44.90
N SER G 40 23.59 7.57 -44.30
CA SER G 40 23.54 8.95 -43.87
C SER G 40 24.69 9.75 -44.45
N GLU G 41 24.45 11.05 -44.61
CA GLU G 41 25.54 11.95 -44.99
C GLU G 41 25.35 13.29 -44.30
N ASN G 42 26.46 13.99 -44.08
CA ASN G 42 26.45 15.26 -43.39
C ASN G 42 26.75 16.38 -44.37
N PRO G 43 25.87 17.36 -44.53
CA PRO G 43 26.17 18.48 -45.45
C PRO G 43 27.32 19.31 -44.93
N ASP G 44 27.95 20.02 -45.86
CA ASP G 44 29.10 20.87 -45.55
C ASP G 44 28.61 22.14 -44.84
N GLU G 45 29.55 23.03 -44.52
CA GLU G 45 29.24 24.22 -43.74
C GLU G 45 28.30 25.19 -44.46
N ALA G 46 28.20 25.11 -45.79
CA ALA G 46 27.30 25.96 -46.54
C ALA G 46 25.97 25.28 -46.85
N GLY G 47 25.75 24.09 -46.29
CA GLY G 47 24.48 23.41 -46.48
C GLY G 47 24.32 22.71 -47.81
N ARG G 48 25.42 22.33 -48.46
CA ARG G 48 25.37 21.64 -49.75
C ARG G 48 25.44 20.14 -49.52
N TYR G 49 24.54 19.40 -50.16
CA TYR G 49 24.49 17.95 -50.03
C TYR G 49 24.47 17.32 -51.42
N SER G 50 25.10 16.14 -51.52
CA SER G 50 25.12 15.39 -52.76
C SER G 50 25.37 13.92 -52.43
N MET G 51 24.56 13.04 -53.00
CA MET G 51 24.68 11.60 -52.77
C MET G 51 24.23 10.88 -54.04
N ASP G 52 24.50 9.58 -54.08
CA ASP G 52 24.02 8.71 -55.15
C ASP G 52 23.15 7.63 -54.52
N VAL G 53 21.86 7.65 -54.81
CA VAL G 53 20.90 6.77 -54.15
C VAL G 53 20.45 5.69 -55.12
N GLU G 54 20.27 4.47 -54.59
CA GLU G 54 19.71 3.38 -55.36
C GLU G 54 18.19 3.46 -55.38
N TYR G 55 17.59 2.70 -56.28
CA TYR G 55 16.15 2.75 -56.49
C TYR G 55 15.41 2.05 -55.36
N GLY G 56 14.14 2.41 -55.21
CA GLY G 56 13.25 1.81 -54.23
C GLY G 56 12.53 2.88 -53.44
N GLN G 57 11.93 2.45 -52.32
CA GLN G 57 11.25 3.34 -51.39
C GLN G 57 12.14 3.57 -50.18
N TYR G 58 12.31 4.83 -49.80
CA TYR G 58 13.11 5.20 -48.65
C TYR G 58 12.32 6.14 -47.76
N SER G 59 12.57 6.05 -46.46
CA SER G 59 12.07 7.01 -45.49
C SER G 59 13.21 7.92 -45.09
N VAL G 60 12.99 9.23 -45.21
CA VAL G 60 14.06 10.20 -45.02
C VAL G 60 13.92 10.85 -43.65
N ILE G 61 15.05 11.02 -42.97
CA ILE G 61 15.10 11.57 -41.62
C ILE G 61 16.10 12.70 -41.60
N LEU G 62 15.74 13.81 -40.96
CA LEU G 62 16.64 14.91 -40.69
C LEU G 62 17.04 14.87 -39.23
N GLN G 63 18.34 14.91 -38.96
CA GLN G 63 18.86 14.87 -37.60
C GLN G 63 19.69 16.11 -37.36
N VAL G 64 19.25 16.94 -36.41
CA VAL G 64 19.93 18.19 -36.09
C VAL G 64 20.42 18.11 -34.65
N ASP G 65 21.62 18.62 -34.41
CA ASP G 65 22.27 18.45 -33.11
C ASP G 65 21.51 19.27 -32.07
N GLY G 66 20.65 18.60 -31.31
CA GLY G 66 19.89 19.24 -30.27
C GLY G 66 18.39 19.05 -30.42
N PHE G 67 17.90 19.09 -31.66
CA PHE G 67 16.48 18.92 -31.89
C PHE G 67 16.14 17.43 -32.01
N PRO G 68 14.88 17.06 -31.74
CA PRO G 68 14.48 15.66 -31.90
C PRO G 68 14.47 15.29 -33.37
N PRO G 69 14.67 14.01 -33.69
CA PRO G 69 14.72 13.58 -35.10
C PRO G 69 13.42 13.93 -35.83
N SER G 70 13.56 14.58 -36.98
CA SER G 70 12.43 14.97 -37.81
C SER G 70 12.20 13.96 -38.93
N HIS G 71 10.94 13.60 -39.13
CA HIS G 71 10.55 12.67 -40.20
C HIS G 71 10.04 13.50 -41.36
N ALA G 72 10.93 13.80 -42.31
CA ALA G 72 10.56 14.65 -43.43
C ALA G 72 9.50 13.99 -44.30
N GLY G 73 9.63 12.69 -44.54
CA GLY G 73 8.66 11.99 -45.37
C GLY G 73 9.27 10.76 -45.99
N THR G 74 8.66 10.33 -47.10
CA THR G 74 9.07 9.14 -47.81
C THR G 74 9.22 9.45 -49.30
N ILE G 75 10.33 9.01 -49.87
CA ILE G 75 10.59 9.17 -51.30
C ILE G 75 10.53 7.79 -51.95
N THR G 76 10.18 7.78 -53.24
CA THR G 76 10.10 6.55 -54.02
C THR G 76 10.81 6.78 -55.36
N VAL G 77 12.10 6.48 -55.38
CA VAL G 77 12.91 6.72 -56.57
C VAL G 77 12.85 5.50 -57.49
N TYR G 78 12.54 5.75 -58.76
CA TYR G 78 12.24 4.70 -59.72
C TYR G 78 13.40 4.53 -60.69
N GLU G 79 13.17 3.67 -61.70
CA GLU G 79 14.18 3.45 -62.73
C GLU G 79 14.32 4.65 -63.66
N ASP G 80 13.24 5.39 -63.88
CA ASP G 80 13.23 6.49 -64.83
C ASP G 80 13.42 7.86 -64.19
N SER G 81 13.69 7.91 -62.88
CA SER G 81 13.80 9.19 -62.20
C SER G 81 15.00 9.97 -62.69
N GLN G 82 14.86 11.33 -62.71
CA GLN G 82 15.90 12.26 -63.14
C GLN G 82 16.56 12.91 -61.93
N PRO G 83 17.81 13.35 -62.08
CA PRO G 83 18.50 13.99 -60.95
C PRO G 83 17.78 15.27 -60.52
N GLY G 84 17.87 15.55 -59.22
CA GLY G 84 17.25 16.73 -58.67
C GLY G 84 17.47 16.78 -57.17
N THR G 85 16.97 17.85 -56.57
CA THR G 85 17.01 17.96 -55.11
C THR G 85 16.00 17.01 -54.47
N LEU G 86 16.30 16.58 -53.24
CA LEU G 86 15.38 15.69 -52.55
C LEU G 86 14.09 16.41 -52.19
N ASN G 87 14.09 17.73 -52.22
CA ASN G 87 12.86 18.49 -51.99
C ASN G 87 11.82 18.17 -53.04
N ASP G 88 12.22 18.04 -54.31
CA ASP G 88 11.29 17.70 -55.37
C ASP G 88 10.74 16.28 -55.19
N PHE G 89 11.60 15.33 -54.80
CA PHE G 89 11.13 13.98 -54.55
C PHE G 89 10.15 13.94 -53.39
N LEU G 90 10.43 14.68 -52.32
CA LEU G 90 9.49 14.75 -51.21
C LEU G 90 8.18 15.38 -51.64
N CYS G 91 8.25 16.42 -52.47
CA CYS G 91 7.06 17.13 -52.93
C CYS G 91 6.42 16.49 -54.16
N ALA G 92 7.01 15.43 -54.69
CA ALA G 92 6.46 14.80 -55.89
C ALA G 92 5.11 14.19 -55.62
N MET G 93 4.29 14.10 -56.67
CA MET G 93 2.95 13.54 -56.54
C MET G 93 3.04 12.04 -56.23
N THR G 94 2.23 11.60 -55.28
CA THR G 94 2.21 10.20 -54.86
C THR G 94 0.82 9.60 -55.04
N MET H 1 -0.91 55.15 -33.52
CA MET H 1 -0.84 56.25 -32.57
C MET H 1 -1.17 55.72 -31.18
N ALA H 2 -0.41 56.15 -30.18
CA ALA H 2 -0.56 55.69 -28.81
C ALA H 2 -1.32 56.75 -28.00
N VAL H 3 -2.50 56.38 -27.52
CA VAL H 3 -3.26 57.26 -26.65
C VAL H 3 -2.57 57.34 -25.30
N LYS H 4 -2.52 58.54 -24.73
CA LYS H 4 -1.85 58.75 -23.45
C LYS H 4 -2.84 58.54 -22.31
N ILE H 5 -2.48 57.66 -21.38
CA ILE H 5 -3.27 57.35 -20.21
C ILE H 5 -2.49 57.82 -19.00
N SER H 6 -3.03 58.80 -18.29
CA SER H 6 -2.34 59.43 -17.17
C SER H 6 -3.30 59.55 -15.99
N GLY H 7 -2.76 59.42 -14.78
CA GLY H 7 -3.58 59.61 -13.61
C GLY H 7 -2.85 59.23 -12.34
N VAL H 8 -3.62 59.16 -11.26
CA VAL H 8 -3.15 58.71 -9.96
C VAL H 8 -4.11 57.63 -9.48
N LEU H 9 -3.56 56.48 -9.07
CA LEU H 9 -4.37 55.38 -8.58
C LEU H 9 -4.23 55.28 -7.07
N LYS H 10 -5.35 55.37 -6.37
CA LYS H 10 -5.39 55.40 -4.92
C LYS H 10 -6.02 54.11 -4.40
N ASP H 11 -6.20 54.03 -3.08
CA ASP H 11 -6.95 52.93 -2.49
C ASP H 11 -8.17 53.50 -1.76
N GLY H 12 -8.87 52.65 -1.01
CA GLY H 12 -10.12 53.09 -0.41
C GLY H 12 -9.97 54.26 0.53
N THR H 13 -8.84 54.31 1.25
CA THR H 13 -8.62 55.32 2.28
C THR H 13 -7.92 56.57 1.75
N GLY H 14 -7.94 56.79 0.45
CA GLY H 14 -7.34 58.00 -0.11
C GLY H 14 -5.83 58.10 0.04
N LYS H 15 -5.12 57.01 -0.22
CA LYS H 15 -3.67 56.96 -0.15
C LYS H 15 -3.09 56.44 -1.46
N PRO H 16 -1.87 56.85 -1.81
CA PRO H 16 -1.20 56.22 -2.95
C PRO H 16 -0.72 54.82 -2.62
N VAL H 17 -0.59 53.99 -3.65
CA VAL H 17 -0.12 52.62 -3.51
C VAL H 17 1.36 52.58 -3.88
N GLN H 18 2.17 52.01 -3.00
CA GLN H 18 3.61 51.93 -3.21
C GLN H 18 4.00 50.53 -3.65
N ASN H 19 5.18 50.43 -4.26
CA ASN H 19 5.75 49.16 -4.73
C ASN H 19 4.80 48.46 -5.70
N CYS H 20 4.11 49.22 -6.54
CA CYS H 20 3.12 48.69 -7.44
C CYS H 20 3.70 48.50 -8.84
N THR H 21 2.93 47.83 -9.69
CA THR H 21 3.30 47.62 -11.08
C THR H 21 2.05 47.38 -11.90
N ILE H 22 1.92 48.09 -13.02
CA ILE H 22 0.77 47.96 -13.90
C ILE H 22 1.22 47.25 -15.15
N GLN H 23 0.55 46.15 -15.50
CA GLN H 23 0.89 45.35 -16.67
C GLN H 23 -0.26 45.32 -17.65
N LEU H 24 0.06 45.59 -18.92
CA LEU H 24 -0.89 45.51 -20.02
C LEU H 24 -0.51 44.31 -20.86
N LYS H 25 -1.42 43.36 -21.02
CA LYS H 25 -1.18 42.15 -21.79
C LYS H 25 -2.10 42.14 -23.00
N ALA H 26 -1.51 42.09 -24.20
CA ALA H 26 -2.28 42.14 -25.43
C ALA H 26 -2.89 40.77 -25.71
N ARG H 27 -4.21 40.70 -25.69
CA ARG H 27 -4.93 39.43 -25.87
C ARG H 27 -5.37 39.20 -27.31
N ARG H 28 -5.07 40.13 -28.21
CA ARG H 28 -5.38 39.96 -29.63
C ARG H 28 -4.38 40.78 -30.43
N ASN H 29 -3.64 40.11 -31.32
CA ASN H 29 -2.58 40.79 -32.04
C ASN H 29 -3.16 41.84 -32.98
N SER H 30 -2.40 42.92 -33.15
CA SER H 30 -2.84 44.07 -33.93
C SER H 30 -1.79 44.36 -34.98
N THR H 31 -2.03 45.42 -35.76
CA THR H 31 -1.08 45.84 -36.77
C THR H 31 0.17 46.48 -36.18
N THR H 32 0.24 46.64 -34.86
CA THR H 32 1.42 47.20 -34.22
C THR H 32 1.88 46.44 -32.99
N VAL H 33 1.06 45.54 -32.44
CA VAL H 33 1.40 44.80 -31.23
C VAL H 33 1.12 43.32 -31.46
N VAL H 34 2.10 42.47 -31.17
CA VAL H 34 1.95 41.03 -31.31
C VAL H 34 1.27 40.48 -30.06
N VAL H 35 0.50 39.41 -30.24
CA VAL H 35 -0.31 38.87 -29.17
C VAL H 35 0.58 38.34 -28.04
N ASN H 36 0.03 38.32 -26.83
CA ASN H 36 0.69 37.78 -25.63
C ASN H 36 2.00 38.51 -25.33
N THR H 37 2.00 39.83 -25.49
CA THR H 37 3.14 40.66 -25.13
C THR H 37 2.75 41.56 -23.96
N VAL H 38 3.56 41.55 -22.91
CA VAL H 38 3.24 42.21 -21.66
C VAL H 38 4.13 43.44 -21.51
N GLY H 39 3.51 44.60 -21.31
CA GLY H 39 4.23 45.83 -21.06
C GLY H 39 3.90 46.40 -19.70
N SER H 40 4.92 46.65 -18.88
CA SER H 40 4.73 47.01 -17.49
C SER H 40 5.31 48.39 -17.20
N GLU H 41 4.74 49.05 -16.19
CA GLU H 41 5.26 50.32 -15.72
C GLU H 41 5.04 50.44 -14.21
N ASN H 42 6.05 50.97 -13.52
CA ASN H 42 5.98 51.16 -12.07
C ASN H 42 5.62 52.59 -11.74
N PRO H 43 4.50 52.83 -11.06
CA PRO H 43 4.16 54.20 -10.66
C PRO H 43 5.18 54.76 -9.67
N ASP H 44 5.29 56.09 -9.65
CA ASP H 44 6.23 56.77 -8.78
C ASP H 44 5.75 56.70 -7.33
N GLU H 45 6.52 57.34 -6.45
CA GLU H 45 6.24 57.29 -5.01
C GLU H 45 4.91 57.93 -4.65
N ALA H 46 4.40 58.85 -5.47
CA ALA H 46 3.14 59.53 -5.19
C ALA H 46 1.96 58.87 -5.89
N GLY H 47 2.16 57.74 -6.56
CA GLY H 47 1.08 57.04 -7.21
C GLY H 47 0.71 57.58 -8.58
N ARG H 48 1.56 58.38 -9.20
CA ARG H 48 1.28 58.97 -10.50
C ARG H 48 1.82 58.07 -11.61
N TYR H 49 0.96 57.74 -12.56
CA TYR H 49 1.32 56.95 -13.71
C TYR H 49 1.00 57.70 -14.99
N SER H 50 1.88 57.57 -15.99
CA SER H 50 1.68 58.18 -17.30
C SER H 50 2.26 57.23 -18.35
N MET H 51 1.37 56.59 -19.10
CA MET H 51 1.76 55.65 -20.14
C MET H 51 1.16 56.08 -21.48
N ASP H 52 1.65 55.50 -22.56
CA ASP H 52 1.08 55.70 -23.88
C ASP H 52 0.92 54.34 -24.54
N VAL H 53 -0.32 53.99 -24.87
CA VAL H 53 -0.67 52.62 -25.27
C VAL H 53 -1.11 52.63 -26.72
N GLU H 54 -0.81 51.53 -27.42
CA GLU H 54 -1.29 51.35 -28.78
C GLU H 54 -2.71 50.80 -28.77
N TYR H 55 -3.42 51.02 -29.86
CA TYR H 55 -4.81 50.59 -29.96
C TYR H 55 -4.91 49.07 -29.94
N GLY H 56 -6.06 48.56 -29.48
CA GLY H 56 -6.29 47.14 -29.43
C GLY H 56 -7.11 46.77 -28.22
N GLN H 57 -7.03 45.49 -27.84
CA GLN H 57 -7.69 44.96 -26.66
C GLN H 57 -6.63 44.46 -25.69
N TYR H 58 -6.71 44.89 -24.44
CA TYR H 58 -5.69 44.57 -23.45
C TYR H 58 -6.33 44.06 -22.17
N SER H 59 -5.59 43.22 -21.46
CA SER H 59 -5.94 42.79 -20.11
C SER H 59 -5.03 43.53 -19.14
N VAL H 60 -5.63 44.15 -18.13
CA VAL H 60 -4.94 45.01 -17.19
C VAL H 60 -4.76 44.26 -15.90
N ILE H 61 -3.50 44.15 -15.44
CA ILE H 61 -3.11 43.41 -14.26
C ILE H 61 -2.41 44.36 -13.31
N LEU H 62 -2.77 44.29 -12.03
CA LEU H 62 -2.09 45.03 -10.98
C LEU H 62 -1.25 44.07 -10.14
N GLN H 63 0.02 44.40 -9.95
CA GLN H 63 0.91 43.58 -9.15
C GLN H 63 1.45 44.42 -8.01
N VAL H 64 1.29 43.96 -6.78
CA VAL H 64 1.73 44.68 -5.60
C VAL H 64 2.67 43.77 -4.82
N ASP H 65 3.77 44.35 -4.33
CA ASP H 65 4.76 43.58 -3.60
C ASP H 65 4.14 43.12 -2.29
N GLY H 66 3.81 41.84 -2.21
CA GLY H 66 3.18 41.29 -1.03
C GLY H 66 1.87 40.57 -1.32
N PHE H 67 1.08 41.11 -2.24
CA PHE H 67 -0.17 40.42 -2.52
C PHE H 67 -0.09 39.67 -3.85
N PRO H 68 -0.88 38.61 -4.03
CA PRO H 68 -0.87 37.89 -5.30
C PRO H 68 -1.41 38.76 -6.42
N PRO H 69 -1.00 38.51 -7.67
CA PRO H 69 -1.36 39.41 -8.76
C PRO H 69 -2.87 39.59 -8.92
N SER H 70 -3.31 40.83 -8.88
CA SER H 70 -4.72 41.17 -9.06
C SER H 70 -5.06 41.27 -10.54
N HIS H 71 -6.28 40.88 -10.87
CA HIS H 71 -6.78 40.90 -12.25
C HIS H 71 -7.72 42.10 -12.35
N ALA H 72 -7.15 43.26 -12.69
CA ALA H 72 -7.95 44.48 -12.73
C ALA H 72 -9.06 44.38 -13.76
N GLY H 73 -8.76 43.89 -14.95
CA GLY H 73 -9.87 43.69 -15.87
C GLY H 73 -9.42 43.77 -17.32
N THR H 74 -10.27 44.37 -18.15
CA THR H 74 -10.06 44.43 -19.59
C THR H 74 -10.35 45.83 -20.10
N ILE H 75 -9.49 46.32 -21.01
CA ILE H 75 -9.68 47.60 -21.66
C ILE H 75 -9.61 47.41 -23.17
N THR H 76 -10.18 48.37 -23.89
CA THR H 76 -10.16 48.35 -25.35
C THR H 76 -9.93 49.76 -25.85
N VAL H 77 -8.74 50.02 -26.39
CA VAL H 77 -8.38 51.33 -26.90
C VAL H 77 -8.70 51.36 -28.39
N TYR H 78 -9.65 52.21 -28.76
CA TYR H 78 -10.08 52.36 -30.14
C TYR H 78 -9.24 53.44 -30.81
N GLU H 79 -9.62 53.83 -32.03
CA GLU H 79 -8.98 54.94 -32.72
C GLU H 79 -9.62 56.29 -32.40
N ASP H 80 -10.74 56.28 -31.69
CA ASP H 80 -11.46 57.52 -31.34
C ASP H 80 -11.36 57.82 -29.85
N SER H 81 -10.54 57.09 -29.11
CA SER H 81 -10.45 57.30 -27.67
C SER H 81 -9.73 58.60 -27.36
N GLN H 82 -10.05 59.16 -26.19
CA GLN H 82 -9.46 60.42 -25.74
C GLN H 82 -8.60 60.15 -24.53
N PRO H 83 -7.52 60.92 -24.32
CA PRO H 83 -6.66 60.68 -23.15
C PRO H 83 -7.41 60.81 -21.84
N GLY H 84 -7.16 59.88 -20.92
CA GLY H 84 -7.81 59.88 -19.63
C GLY H 84 -7.15 58.95 -18.64
N THR H 85 -7.74 58.78 -17.47
CA THR H 85 -7.18 57.88 -16.47
C THR H 85 -7.46 56.44 -16.84
N LEU H 86 -6.68 55.53 -16.25
CA LEU H 86 -6.88 54.11 -16.46
C LEU H 86 -8.23 53.65 -15.90
N ASN H 87 -8.73 54.34 -14.88
CA ASN H 87 -9.96 53.93 -14.23
C ASN H 87 -11.16 54.04 -15.17
N ASP H 88 -11.21 55.07 -16.01
CA ASP H 88 -12.36 55.27 -16.87
C ASP H 88 -12.50 54.12 -17.88
N PHE H 89 -11.38 53.62 -18.39
CA PHE H 89 -11.45 52.54 -19.36
C PHE H 89 -12.05 51.28 -18.75
N LEU H 90 -11.73 50.98 -17.49
CA LEU H 90 -12.35 49.84 -16.83
C LEU H 90 -13.87 50.02 -16.73
N CYS H 91 -14.31 51.21 -16.35
CA CYS H 91 -15.73 51.49 -16.14
C CYS H 91 -16.48 51.80 -17.43
N ALA H 92 -15.80 51.89 -18.56
CA ALA H 92 -16.47 52.19 -19.82
C ALA H 92 -17.44 51.08 -20.17
N MET H 93 -18.58 51.48 -20.75
CA MET H 93 -19.61 50.51 -21.11
C MET H 93 -19.10 49.59 -22.22
N THR H 94 -19.47 48.32 -22.13
CA THR H 94 -19.05 47.33 -23.10
C THR H 94 -20.24 46.61 -23.72
N MET I 1 -14.23 63.43 -4.05
CA MET I 1 -14.15 63.82 -2.65
C MET I 1 -14.10 62.60 -1.73
N ALA I 2 -13.62 62.80 -0.50
CA ALA I 2 -13.48 61.72 0.47
C ALA I 2 -14.32 62.05 1.69
N VAL I 3 -15.25 61.16 2.03
CA VAL I 3 -16.07 61.35 3.22
C VAL I 3 -15.27 60.93 4.43
N LYS I 4 -15.37 61.71 5.51
CA LYS I 4 -14.58 61.45 6.71
C LYS I 4 -15.34 60.50 7.62
N ILE I 5 -14.79 59.30 7.81
CA ILE I 5 -15.36 58.30 8.71
C ILE I 5 -14.51 58.30 9.98
N SER I 6 -15.12 58.67 11.09
CA SER I 6 -14.38 58.80 12.34
C SER I 6 -15.19 58.19 13.48
N GLY I 7 -14.49 57.75 14.51
CA GLY I 7 -15.17 57.23 15.68
C GLY I 7 -14.19 56.59 16.65
N VAL I 8 -14.76 55.86 17.60
CA VAL I 8 -14.01 55.15 18.63
C VAL I 8 -14.48 53.70 18.62
N LEU I 9 -13.52 52.77 18.62
CA LEU I 9 -13.81 51.36 18.47
C LEU I 9 -13.75 50.69 19.84
N LYS I 10 -14.90 50.21 20.33
CA LYS I 10 -15.00 49.57 21.63
C LYS I 10 -15.53 48.14 21.47
N ASP I 11 -15.06 47.26 22.34
CA ASP I 11 -15.58 45.91 22.40
C ASP I 11 -16.82 45.87 23.30
N GLY I 12 -17.35 44.66 23.51
CA GLY I 12 -18.59 44.51 24.27
C GLY I 12 -18.49 44.92 25.72
N THR I 13 -17.28 44.99 26.28
CA THR I 13 -17.07 45.35 27.67
C THR I 13 -17.02 46.86 27.85
N GLY I 14 -16.99 47.62 26.76
CA GLY I 14 -16.91 49.06 26.87
C GLY I 14 -15.51 49.57 27.08
N LYS I 15 -14.53 49.00 26.37
CA LYS I 15 -13.13 49.33 26.49
C LYS I 15 -12.52 49.51 25.10
N PRO I 16 -11.46 50.30 24.96
CA PRO I 16 -10.79 50.40 23.67
C PRO I 16 -10.17 49.07 23.29
N VAL I 17 -10.13 48.79 21.98
CA VAL I 17 -9.54 47.56 21.49
C VAL I 17 -8.24 47.88 20.76
N GLN I 18 -7.13 47.43 21.31
CA GLN I 18 -5.82 47.78 20.78
C GLN I 18 -5.34 46.73 19.79
N ASN I 19 -4.23 47.05 19.12
CA ASN I 19 -3.58 46.16 18.16
C ASN I 19 -4.48 45.84 16.97
N CYS I 20 -5.42 46.72 16.67
CA CYS I 20 -6.38 46.48 15.60
C CYS I 20 -5.84 46.97 14.26
N THR I 21 -6.56 46.63 13.20
CA THR I 21 -6.27 47.16 11.87
C THR I 21 -7.54 47.03 11.04
N ILE I 22 -8.04 48.15 10.53
CA ILE I 22 -9.22 48.15 9.68
C ILE I 22 -8.77 48.19 8.23
N GLN I 23 -9.29 47.27 7.42
CA GLN I 23 -8.96 47.19 6.01
C GLN I 23 -10.23 47.30 5.18
N LEU I 24 -10.12 47.96 4.04
CA LEU I 24 -11.25 48.13 3.14
C LEU I 24 -10.91 47.48 1.80
N LYS I 25 -11.56 46.37 1.50
CA LYS I 25 -11.35 45.63 0.26
C LYS I 25 -12.37 46.12 -0.76
N ALA I 26 -11.90 46.83 -1.78
CA ALA I 26 -12.80 47.32 -2.82
C ALA I 26 -13.23 46.15 -3.71
N ARG I 27 -14.53 46.05 -3.98
CA ARG I 27 -15.05 44.93 -4.75
C ARG I 27 -15.53 45.28 -6.15
N ARG I 28 -15.72 46.57 -6.46
CA ARG I 28 -16.08 46.96 -7.82
C ARG I 28 -15.28 48.21 -8.20
N ASN I 29 -14.96 48.31 -9.48
CA ASN I 29 -14.21 49.46 -9.97
C ASN I 29 -14.99 50.75 -9.76
N SER I 30 -14.30 51.75 -9.23
CA SER I 30 -14.90 53.07 -9.04
C SER I 30 -14.20 54.07 -9.94
N THR I 31 -14.59 55.35 -9.83
CA THR I 31 -13.95 56.36 -10.66
C THR I 31 -12.52 56.64 -10.21
N THR I 32 -12.18 56.28 -8.97
CA THR I 32 -10.88 56.61 -8.43
C THR I 32 -10.25 55.47 -7.63
N VAL I 33 -10.85 54.28 -7.63
CA VAL I 33 -10.29 53.13 -6.92
C VAL I 33 -10.39 51.91 -7.82
N VAL I 34 -9.28 51.20 -7.98
CA VAL I 34 -9.23 49.99 -8.79
C VAL I 34 -9.62 48.81 -7.91
N VAL I 35 -10.27 47.81 -8.52
CA VAL I 35 -10.83 46.71 -7.75
C VAL I 35 -9.69 45.87 -7.15
N ASN I 36 -9.99 45.22 -6.02
CA ASN I 36 -9.02 44.43 -5.25
C ASN I 36 -7.83 45.30 -4.80
N THR I 37 -8.14 46.31 -4.01
CA THR I 37 -7.13 47.14 -3.37
C THR I 37 -7.50 47.36 -1.92
N VAL I 38 -6.52 47.23 -1.04
CA VAL I 38 -6.76 47.33 0.40
C VAL I 38 -6.03 48.55 0.95
N GLY I 39 -6.71 49.25 1.85
CA GLY I 39 -6.10 50.37 2.54
C GLY I 39 -6.26 50.23 4.04
N SER I 40 -5.15 50.10 4.76
CA SER I 40 -5.19 49.82 6.18
C SER I 40 -5.29 51.09 6.99
N GLU I 41 -5.80 50.96 8.21
CA GLU I 41 -5.88 52.06 9.17
C GLU I 41 -5.72 51.48 10.56
N ASN I 42 -4.71 51.94 11.29
CA ASN I 42 -4.43 51.42 12.63
C ASN I 42 -4.90 52.42 13.68
N PRO I 43 -5.86 52.07 14.52
CA PRO I 43 -6.31 52.99 15.56
C PRO I 43 -5.23 53.20 16.62
N ASP I 44 -5.39 54.27 17.37
CA ASP I 44 -4.46 54.62 18.44
C ASP I 44 -4.78 53.79 19.69
N GLU I 45 -4.08 54.08 20.79
CA GLU I 45 -4.25 53.29 22.00
C GLU I 45 -5.61 53.48 22.66
N ALA I 46 -6.28 54.60 22.40
CA ALA I 46 -7.59 54.85 22.98
C ALA I 46 -8.74 54.43 22.07
N GLY I 47 -8.43 53.81 20.93
CA GLY I 47 -9.46 53.31 20.04
C GLY I 47 -10.01 54.31 19.05
N ARG I 48 -9.38 55.46 18.88
CA ARG I 48 -9.88 56.44 17.92
C ARG I 48 -9.40 56.12 16.52
N TYR I 49 -10.30 56.19 15.54
CA TYR I 49 -9.97 55.98 14.15
C TYR I 49 -10.61 57.06 13.31
N SER I 50 -9.93 57.41 12.21
CA SER I 50 -10.42 58.42 11.28
C SER I 50 -9.80 58.18 9.92
N MET I 51 -10.64 57.98 8.90
CA MET I 51 -10.19 57.73 7.54
C MET I 51 -10.97 58.62 6.59
N ASP I 52 -10.41 58.80 5.39
CA ASP I 52 -11.03 59.57 4.31
C ASP I 52 -11.36 58.59 3.19
N VAL I 53 -12.62 58.18 3.12
CA VAL I 53 -13.04 57.09 2.24
C VAL I 53 -13.57 57.67 0.93
N GLU I 54 -13.08 57.15 -0.18
CA GLU I 54 -13.62 57.46 -1.49
C GLU I 54 -14.89 56.65 -1.74
N TYR I 55 -15.84 57.27 -2.43
CA TYR I 55 -17.15 56.66 -2.62
C TYR I 55 -17.04 55.39 -3.46
N GLY I 56 -17.95 54.46 -3.21
CA GLY I 56 -17.95 53.18 -3.88
C GLY I 56 -18.45 52.09 -2.94
N GLN I 57 -18.18 50.85 -3.29
CA GLN I 57 -18.59 49.70 -2.49
C GLN I 57 -17.35 49.01 -1.94
N TYR I 58 -17.35 48.76 -0.63
CA TYR I 58 -16.19 48.18 0.05
C TYR I 58 -16.66 47.06 0.96
N SER I 59 -15.77 46.13 1.24
CA SER I 59 -15.97 45.11 2.26
C SER I 59 -14.98 45.37 3.38
N VAL I 60 -15.50 45.51 4.60
CA VAL I 60 -14.66 45.92 5.73
C VAL I 60 -14.17 44.68 6.45
N ILE I 61 -12.86 44.60 6.69
CA ILE I 61 -12.24 43.49 7.38
C ILE I 61 -11.51 44.08 8.58
N LEU I 62 -11.88 43.65 9.77
CA LEU I 62 -11.27 44.13 11.01
C LEU I 62 -10.36 43.01 11.51
N GLN I 63 -9.05 43.24 11.43
CA GLN I 63 -8.07 42.21 11.76
C GLN I 63 -7.29 42.62 13.00
N VAL I 64 -7.22 41.72 13.97
CA VAL I 64 -6.48 41.94 15.21
C VAL I 64 -5.55 40.74 15.41
N ASP I 65 -4.44 40.98 16.12
CA ASP I 65 -3.42 39.94 16.32
C ASP I 65 -3.97 38.89 17.28
N GLY I 66 -4.60 37.87 16.69
CA GLY I 66 -5.36 36.92 17.46
C GLY I 66 -6.39 36.27 16.58
N PHE I 67 -7.65 36.41 16.96
CA PHE I 67 -8.83 35.93 16.26
C PHE I 67 -8.70 36.17 14.77
N PRO I 68 -9.21 35.28 13.93
CA PRO I 68 -9.04 35.44 12.48
C PRO I 68 -9.78 36.66 11.96
N PRO I 69 -9.40 37.17 10.79
CA PRO I 69 -10.08 38.34 10.23
C PRO I 69 -11.60 38.23 10.23
N SER I 70 -12.27 39.19 10.86
CA SER I 70 -13.72 39.16 11.04
C SER I 70 -14.34 40.06 9.99
N HIS I 71 -14.96 39.45 8.99
CA HIS I 71 -15.61 40.19 7.92
C HIS I 71 -16.90 40.81 8.46
N ALA I 72 -16.82 42.07 8.87
CA ALA I 72 -17.99 42.73 9.43
C ALA I 72 -19.10 42.90 8.40
N GLY I 73 -18.75 43.08 7.12
CA GLY I 73 -19.75 43.25 6.09
C GLY I 73 -19.43 44.30 5.04
N THR I 74 -20.41 44.60 4.21
CA THR I 74 -20.27 45.49 3.08
C THR I 74 -20.79 46.88 3.41
N ILE I 75 -20.04 47.91 3.00
CA ILE I 75 -20.47 49.29 3.14
C ILE I 75 -20.50 49.92 1.76
N THR I 76 -21.44 50.85 1.56
CA THR I 76 -21.58 51.56 0.31
C THR I 76 -21.62 53.05 0.59
N VAL I 77 -20.80 53.81 -0.14
CA VAL I 77 -20.73 55.25 0.00
C VAL I 77 -21.15 55.86 -1.32
N TYR I 78 -22.29 56.57 -1.32
CA TYR I 78 -22.81 57.24 -2.49
C TYR I 78 -22.62 58.74 -2.35
N GLU I 79 -23.06 59.48 -3.37
CA GLU I 79 -22.97 60.94 -3.29
C GLU I 79 -24.14 61.56 -2.54
N ASP I 80 -24.48 61.00 -1.38
CA ASP I 80 -25.40 61.62 -0.45
C ASP I 80 -24.96 61.45 1.00
N SER I 81 -23.89 60.71 1.26
CA SER I 81 -23.54 60.31 2.61
C SER I 81 -22.89 61.48 3.36
N GLN I 82 -23.19 61.55 4.66
CA GLN I 82 -22.63 62.53 5.56
C GLN I 82 -21.62 61.87 6.49
N PRO I 83 -20.61 62.60 6.96
CA PRO I 83 -19.60 61.98 7.82
C PRO I 83 -20.21 61.42 9.09
N GLY I 84 -19.70 60.27 9.50
CA GLY I 84 -20.21 59.60 10.69
C GLY I 84 -19.22 58.57 11.16
N THR I 85 -19.74 57.53 11.82
CA THR I 85 -18.91 56.45 12.33
C THR I 85 -19.03 55.22 11.43
N LEU I 86 -18.06 54.32 11.56
CA LEU I 86 -18.05 53.11 10.76
C LEU I 86 -19.27 52.24 11.04
N ASN I 87 -19.71 52.21 12.31
CA ASN I 87 -20.76 51.29 12.71
C ASN I 87 -22.08 51.61 12.03
N ASP I 88 -22.34 52.90 11.77
CA ASP I 88 -23.58 53.27 11.10
C ASP I 88 -23.66 52.69 9.69
N PHE I 89 -22.53 52.69 8.97
CA PHE I 89 -22.52 52.12 7.62
C PHE I 89 -22.75 50.62 7.64
N LEU I 90 -22.22 49.92 8.65
CA LEU I 90 -22.56 48.51 8.79
C LEU I 90 -24.04 48.33 9.09
N CYS I 91 -24.58 49.14 10.01
CA CYS I 91 -25.98 49.00 10.42
C CYS I 91 -26.96 49.68 9.49
N ALA I 92 -26.48 50.40 8.48
CA ALA I 92 -27.36 51.13 7.58
C ALA I 92 -28.23 50.17 6.78
N MET I 93 -29.45 50.61 6.49
CA MET I 93 -30.37 49.82 5.70
C MET I 93 -29.95 49.90 4.23
N THR I 94 -29.20 48.91 3.78
CA THR I 94 -28.70 48.89 2.41
C THR I 94 -29.82 48.56 1.42
N MET J 1 -25.80 53.91 26.72
CA MET J 1 -24.97 53.76 27.91
C MET J 1 -24.56 52.30 28.13
N ALA J 2 -24.14 51.99 29.35
CA ALA J 2 -23.67 50.66 29.69
C ALA J 2 -24.45 50.13 30.88
N VAL J 3 -25.01 48.94 30.74
CA VAL J 3 -25.72 48.28 31.82
C VAL J 3 -24.70 47.62 32.73
N LYS J 4 -24.88 47.79 34.03
CA LYS J 4 -23.94 47.26 35.01
C LYS J 4 -24.27 45.81 35.34
N ILE J 5 -23.24 44.97 35.40
CA ILE J 5 -23.37 43.56 35.69
C ILE J 5 -22.38 43.26 36.80
N SER J 6 -22.86 43.13 38.02
CA SER J 6 -21.99 42.92 39.17
C SER J 6 -22.46 41.70 39.94
N GLY J 7 -21.52 41.01 40.57
CA GLY J 7 -21.90 39.89 41.40
C GLY J 7 -20.69 39.08 41.84
N VAL J 8 -20.97 37.84 42.26
CA VAL J 8 -19.95 36.90 42.67
C VAL J 8 -20.20 35.59 41.93
N LEU J 9 -19.13 34.83 41.73
CA LEU J 9 -19.18 33.62 40.91
C LEU J 9 -18.81 32.43 41.77
N LYS J 10 -19.80 31.63 42.14
CA LYS J 10 -19.60 30.44 42.96
C LYS J 10 -19.72 29.20 42.09
N ASP J 11 -19.47 28.05 42.70
CA ASP J 11 -19.59 26.76 42.04
C ASP J 11 -20.65 25.94 42.76
N GLY J 12 -20.75 24.67 42.40
CA GLY J 12 -21.81 23.83 42.92
C GLY J 12 -21.78 23.69 44.43
N THR J 13 -20.59 23.66 45.02
CA THR J 13 -20.43 23.43 46.45
C THR J 13 -20.30 24.71 47.26
N GLY J 14 -20.55 25.86 46.65
CA GLY J 14 -20.52 27.12 47.37
C GLY J 14 -19.17 27.77 47.49
N LYS J 15 -18.18 27.35 46.70
CA LYS J 15 -16.86 27.93 46.75
C LYS J 15 -16.66 28.90 45.59
N PRO J 16 -15.82 29.91 45.75
CA PRO J 16 -15.46 30.75 44.60
C PRO J 16 -14.57 30.00 43.62
N VAL J 17 -14.62 30.43 42.36
CA VAL J 17 -13.84 29.81 41.30
C VAL J 17 -12.63 30.71 41.02
N GLN J 18 -11.46 30.11 40.98
CA GLN J 18 -10.22 30.84 40.75
C GLN J 18 -9.70 30.58 39.34
N ASN J 19 -8.82 31.48 38.88
CA ASN J 19 -8.21 31.40 37.55
C ASN J 19 -9.27 31.38 36.46
N CYS J 20 -10.38 32.07 36.69
CA CYS J 20 -11.48 32.10 35.74
C CYS J 20 -11.39 33.32 34.85
N THR J 21 -12.13 33.27 33.74
CA THR J 21 -12.18 34.39 32.81
C THR J 21 -13.53 34.39 32.10
N ILE J 22 -14.20 35.54 32.11
CA ILE J 22 -15.47 35.73 31.43
C ILE J 22 -15.17 36.35 30.07
N GLN J 23 -15.68 35.74 29.01
CA GLN J 23 -15.53 36.26 27.65
C GLN J 23 -16.90 36.54 27.07
N LEU J 24 -17.06 37.73 26.48
CA LEU J 24 -18.32 38.14 25.85
C LEU J 24 -18.05 38.37 24.37
N LYS J 25 -18.47 37.42 23.55
CA LYS J 25 -18.27 37.51 22.10
C LYS J 25 -19.53 38.05 21.45
N ALA J 26 -19.41 39.20 20.78
CA ALA J 26 -20.57 39.87 20.18
C ALA J 26 -20.94 39.15 18.89
N ARG J 27 -22.12 38.52 18.86
CA ARG J 27 -22.54 37.71 17.74
C ARG J 27 -23.32 38.52 16.69
N ARG J 28 -23.63 39.77 16.95
CA ARG J 28 -24.28 40.63 15.98
C ARG J 28 -23.83 42.07 16.19
N ASN J 29 -23.30 42.68 15.14
CA ASN J 29 -22.73 44.01 15.27
C ASN J 29 -23.82 45.03 15.61
N SER J 30 -23.43 46.04 16.37
CA SER J 30 -24.39 47.01 16.89
C SER J 30 -23.95 48.44 16.60
N THR J 31 -24.67 49.40 17.17
CA THR J 31 -24.32 50.80 16.97
C THR J 31 -22.95 51.12 17.58
N THR J 32 -22.59 50.44 18.67
CA THR J 32 -21.36 50.76 19.38
C THR J 32 -20.35 49.61 19.41
N VAL J 33 -20.73 48.41 19.03
CA VAL J 33 -19.87 47.24 19.09
C VAL J 33 -19.85 46.55 17.73
N VAL J 34 -18.66 46.28 17.22
CA VAL J 34 -18.49 45.58 15.94
C VAL J 34 -18.57 44.09 16.20
N VAL J 35 -18.96 43.33 15.16
CA VAL J 35 -19.22 41.92 15.34
C VAL J 35 -17.91 41.16 15.56
N ASN J 36 -18.01 40.04 16.27
CA ASN J 36 -16.88 39.13 16.52
C ASN J 36 -15.76 39.81 17.30
N THR J 37 -16.12 40.52 18.36
CA THR J 37 -15.13 41.16 19.23
C THR J 37 -15.38 40.72 20.66
N VAL J 38 -14.31 40.30 21.34
CA VAL J 38 -14.43 39.76 22.69
C VAL J 38 -13.81 40.73 23.68
N GLY J 39 -14.32 40.66 24.91
CA GLY J 39 -13.70 41.36 26.04
C GLY J 39 -13.57 40.44 27.24
N SER J 40 -12.35 40.21 27.70
CA SER J 40 -12.09 39.28 28.79
C SER J 40 -11.53 40.01 30.01
N GLU J 41 -12.10 39.71 31.18
CA GLU J 41 -11.62 40.30 32.43
C GLU J 41 -11.68 39.27 33.54
N ASN J 42 -10.70 39.34 34.44
CA ASN J 42 -10.45 38.29 35.41
C ASN J 42 -11.11 38.59 36.73
N PRO J 43 -11.99 37.72 37.24
CA PRO J 43 -12.50 37.90 38.59
C PRO J 43 -11.41 37.68 39.64
N ASP J 44 -11.66 38.21 40.83
CA ASP J 44 -10.73 38.09 41.93
C ASP J 44 -10.82 36.69 42.55
N GLU J 45 -10.05 36.49 43.63
CA GLU J 45 -10.08 35.21 44.34
C GLU J 45 -11.45 34.97 44.98
N ALA J 46 -12.12 36.05 45.38
CA ALA J 46 -13.46 35.90 45.96
C ALA J 46 -14.50 35.54 44.92
N GLY J 47 -14.20 35.70 43.64
CA GLY J 47 -15.14 35.39 42.58
C GLY J 47 -16.03 36.54 42.17
N ARG J 48 -15.76 37.75 42.64
CA ARG J 48 -16.58 38.90 42.28
C ARG J 48 -16.22 39.42 40.89
N TYR J 49 -17.22 39.90 40.16
CA TYR J 49 -17.03 40.48 38.84
C TYR J 49 -17.89 41.73 38.72
N SER J 50 -17.43 42.65 37.87
CA SER J 50 -18.08 43.95 37.67
C SER J 50 -17.81 44.37 36.23
N MET J 51 -18.88 44.46 35.43
CA MET J 51 -18.75 44.64 33.99
C MET J 51 -19.78 45.66 33.50
N ASP J 52 -19.34 46.68 32.78
CA ASP J 52 -20.25 47.67 32.17
C ASP J 52 -20.42 47.30 30.71
N VAL J 53 -21.56 46.71 30.38
CA VAL J 53 -21.75 46.05 29.08
C VAL J 53 -22.63 46.89 28.18
N GLU J 54 -22.24 47.01 26.91
CA GLU J 54 -23.06 47.68 25.90
C GLU J 54 -24.16 46.75 25.40
N TYR J 55 -25.15 47.35 24.75
CA TYR J 55 -26.34 46.60 24.35
C TYR J 55 -26.05 45.69 23.16
N GLY J 56 -26.94 44.72 22.94
CA GLY J 56 -26.84 43.80 21.84
C GLY J 56 -26.94 42.37 22.33
N GLN J 57 -26.58 41.43 21.46
CA GLN J 57 -26.55 40.01 21.79
C GLN J 57 -25.10 39.56 21.93
N TYR J 58 -24.82 38.81 22.99
CA TYR J 58 -23.48 38.30 23.24
C TYR J 58 -23.55 36.83 23.59
N SER J 59 -22.47 36.11 23.31
CA SER J 59 -22.29 34.73 23.71
C SER J 59 -21.24 34.71 24.82
N VAL J 60 -21.56 34.02 25.92
CA VAL J 60 -20.74 34.04 27.12
C VAL J 60 -19.90 32.78 27.17
N ILE J 61 -18.60 32.94 27.46
CA ILE J 61 -17.68 31.83 27.58
C ILE J 61 -17.00 31.91 28.93
N LEU J 62 -16.95 30.78 29.64
CA LEU J 62 -16.16 30.65 30.85
C LEU J 62 -14.87 29.90 30.52
N GLN J 63 -13.73 30.55 30.74
CA GLN J 63 -12.45 29.92 30.50
C GLN J 63 -11.73 29.80 31.83
N VAL J 64 -11.56 28.58 32.31
CA VAL J 64 -10.94 28.32 33.60
C VAL J 64 -9.68 27.51 33.38
N ASP J 65 -8.58 27.92 34.01
CA ASP J 65 -7.26 27.39 33.72
C ASP J 65 -7.23 25.87 33.83
N GLY J 66 -6.97 25.19 32.71
CA GLY J 66 -6.86 23.75 32.69
C GLY J 66 -8.01 23.08 31.96
N PHE J 67 -9.22 23.53 32.22
CA PHE J 67 -10.41 22.93 31.64
C PHE J 67 -10.67 23.46 30.23
N PRO J 68 -11.35 22.69 29.40
CA PRO J 68 -11.74 23.20 28.08
C PRO J 68 -12.75 24.30 28.22
N PRO J 69 -12.80 25.23 27.25
CA PRO J 69 -13.74 26.36 27.35
C PRO J 69 -15.18 25.88 27.47
N SER J 70 -15.95 26.57 28.31
CA SER J 70 -17.35 26.27 28.55
C SER J 70 -18.24 27.34 27.94
N HIS J 71 -19.29 26.92 27.26
CA HIS J 71 -20.25 27.81 26.63
C HIS J 71 -21.45 27.94 27.55
N ALA J 72 -21.47 28.99 28.37
CA ALA J 72 -22.57 29.17 29.31
C ALA J 72 -23.89 29.40 28.59
N GLY J 73 -23.88 30.21 27.54
CA GLY J 73 -25.11 30.51 26.82
C GLY J 73 -25.00 31.85 26.11
N THR J 74 -26.16 32.46 25.90
CA THR J 74 -26.25 33.73 25.18
C THR J 74 -27.10 34.71 25.98
N ILE J 75 -26.65 35.95 26.07
CA ILE J 75 -27.37 37.01 26.76
C ILE J 75 -27.75 38.08 25.74
N THR J 76 -28.78 38.85 26.06
CA THR J 76 -29.25 39.94 25.22
C THR J 76 -29.52 41.15 26.10
N VAL J 77 -28.67 42.16 26.00
CA VAL J 77 -28.80 43.38 26.79
C VAL J 77 -29.60 44.37 25.94
N TYR J 78 -30.79 44.70 26.41
CA TYR J 78 -31.67 45.63 25.73
C TYR J 78 -31.55 47.02 26.35
N GLU J 79 -32.42 47.93 25.92
CA GLU J 79 -32.44 49.28 26.47
C GLU J 79 -33.18 49.38 27.79
N ASP J 80 -34.14 48.50 28.05
CA ASP J 80 -34.91 48.50 29.28
C ASP J 80 -34.31 47.60 30.36
N SER J 81 -33.14 47.03 30.12
CA SER J 81 -32.54 46.10 31.06
C SER J 81 -32.02 46.84 32.30
N GLN J 82 -32.23 46.22 33.49
CA GLN J 82 -31.77 46.76 34.76
C GLN J 82 -30.50 46.03 35.21
N PRO J 83 -29.67 46.68 36.04
CA PRO J 83 -28.46 46.02 36.52
C PRO J 83 -28.78 44.76 37.31
N GLY J 84 -27.90 43.77 37.18
CA GLY J 84 -28.10 42.51 37.88
C GLY J 84 -26.91 41.60 37.66
N THR J 85 -26.98 40.43 38.29
CA THR J 85 -25.90 39.46 38.16
C THR J 85 -25.95 38.81 36.78
N LEU J 86 -24.85 38.16 36.42
CA LEU J 86 -24.75 37.49 35.13
C LEU J 86 -25.69 36.30 35.01
N ASN J 87 -26.00 35.64 36.13
CA ASN J 87 -26.83 34.44 36.08
C ASN J 87 -28.25 34.74 35.64
N ASP J 88 -28.77 35.91 36.01
CA ASP J 88 -30.16 36.24 35.66
C ASP J 88 -30.36 36.37 34.16
N PHE J 89 -29.40 36.98 33.46
CA PHE J 89 -29.53 37.12 32.02
C PHE J 89 -29.52 35.75 31.33
N LEU J 90 -28.65 34.85 31.77
CA LEU J 90 -28.67 33.49 31.23
C LEU J 90 -29.99 32.81 31.55
N CYS J 91 -30.51 32.99 32.76
CA CYS J 91 -31.75 32.38 33.20
C CYS J 91 -32.99 33.13 32.73
N ALA J 92 -32.83 34.29 32.11
CA ALA J 92 -33.97 35.07 31.67
C ALA J 92 -34.73 34.35 30.56
N MET J 93 -36.04 34.59 30.51
CA MET J 93 -36.87 33.98 29.49
C MET J 93 -36.50 34.51 28.12
N THR J 94 -36.45 33.60 27.13
CA THR J 94 -36.09 33.98 25.77
C THR J 94 -37.18 33.54 24.78
N MET K 1 -29.58 29.86 49.72
CA MET K 1 -29.10 29.15 50.91
C MET K 1 -28.40 27.85 50.51
N ALA K 2 -27.55 27.36 51.40
CA ALA K 2 -26.74 26.17 51.15
C ALA K 2 -27.29 25.01 51.99
N VAL K 3 -27.75 23.96 51.32
CA VAL K 3 -28.16 22.76 52.02
C VAL K 3 -26.92 21.99 52.45
N LYS K 4 -26.86 21.66 53.74
CA LYS K 4 -25.73 20.92 54.29
C LYS K 4 -25.92 19.43 54.05
N ILE K 5 -24.93 18.81 53.42
CA ILE K 5 -24.92 17.37 53.17
C ILE K 5 -23.74 16.78 53.93
N SER K 6 -24.02 15.82 54.82
CA SER K 6 -22.97 15.24 55.64
C SER K 6 -23.15 13.73 55.71
N GLY K 7 -22.03 13.02 55.85
CA GLY K 7 -22.12 11.59 56.02
C GLY K 7 -20.75 10.94 56.05
N VAL K 8 -20.77 9.62 56.06
CA VAL K 8 -19.57 8.80 56.02
C VAL K 8 -19.63 7.90 54.79
N LEU K 9 -18.54 7.85 54.03
CA LEU K 9 -18.49 7.15 52.76
C LEU K 9 -17.81 5.80 52.94
N LYS K 10 -18.54 4.72 52.70
CA LYS K 10 -18.05 3.37 52.92
C LYS K 10 -18.18 2.54 51.65
N ASP K 11 -17.30 1.57 51.51
CA ASP K 11 -17.38 0.62 50.40
C ASP K 11 -18.26 -0.55 50.80
N GLY K 12 -18.27 -1.60 49.99
CA GLY K 12 -19.18 -2.70 50.21
C GLY K 12 -18.89 -3.56 51.42
N THR K 13 -17.67 -3.51 51.95
CA THR K 13 -17.29 -4.33 53.08
C THR K 13 -17.31 -3.58 54.40
N GLY K 14 -18.08 -2.50 54.48
CA GLY K 14 -18.21 -1.75 55.73
C GLY K 14 -16.92 -1.12 56.22
N LYS K 15 -16.13 -0.56 55.32
CA LYS K 15 -14.89 0.11 55.65
C LYS K 15 -14.84 1.46 54.97
N PRO K 16 -14.14 2.43 55.55
CA PRO K 16 -13.97 3.72 54.89
C PRO K 16 -13.14 3.57 53.62
N VAL K 17 -13.47 4.39 52.63
CA VAL K 17 -12.76 4.41 51.35
C VAL K 17 -11.94 5.69 51.30
N GLN K 18 -10.67 5.55 50.98
CA GLN K 18 -9.72 6.65 51.05
C GLN K 18 -9.33 7.13 49.66
N ASN K 19 -8.71 8.31 49.61
CA ASN K 19 -8.18 8.93 48.40
C ASN K 19 -9.28 9.33 47.42
N CYS K 20 -10.52 9.45 47.88
CA CYS K 20 -11.62 9.73 46.99
C CYS K 20 -11.63 11.20 46.58
N THR K 21 -12.62 11.54 45.76
CA THR K 21 -12.87 12.94 45.37
C THR K 21 -14.28 13.00 44.82
N ILE K 22 -15.12 13.82 45.42
CA ILE K 22 -16.51 13.99 45.00
C ILE K 22 -16.61 15.28 44.19
N GLN K 23 -17.14 15.17 42.98
CA GLN K 23 -17.28 16.28 42.06
C GLN K 23 -18.75 16.47 41.70
N LEU K 24 -19.17 17.72 41.69
CA LEU K 24 -20.56 18.08 41.36
C LEU K 24 -20.55 18.87 40.06
N LYS K 25 -20.92 18.21 38.98
CA LYS K 25 -20.97 18.83 37.65
C LYS K 25 -22.36 19.39 37.43
N ALA K 26 -22.48 20.72 37.41
CA ALA K 26 -23.78 21.35 37.24
C ALA K 26 -24.20 21.27 35.78
N ARG K 27 -25.38 20.70 35.52
CA ARG K 27 -25.84 20.53 34.15
C ARG K 27 -26.81 21.61 33.69
N ARG K 28 -27.43 22.35 34.61
CA ARG K 28 -28.39 23.38 34.23
C ARG K 28 -28.06 24.66 34.97
N ASN K 29 -28.34 25.79 34.32
CA ASN K 29 -28.07 27.09 34.90
C ASN K 29 -29.00 27.34 36.08
N SER K 30 -28.41 27.67 37.22
CA SER K 30 -29.17 28.00 38.41
C SER K 30 -29.09 29.51 38.64
N THR K 31 -29.74 29.96 39.71
CA THR K 31 -29.70 31.39 40.02
C THR K 31 -28.33 31.83 40.50
N THR K 32 -27.47 30.88 40.91
CA THR K 32 -26.18 31.24 41.47
C THR K 32 -25.07 30.31 40.99
N VAL K 33 -25.34 29.42 40.05
CA VAL K 33 -24.33 28.49 39.55
C VAL K 33 -24.44 28.42 38.03
N VAL K 34 -23.31 28.55 37.35
CA VAL K 34 -23.25 28.52 35.90
C VAL K 34 -23.01 27.09 35.44
N VAL K 35 -23.46 26.77 34.22
CA VAL K 35 -23.43 25.40 33.73
C VAL K 35 -21.99 24.95 33.53
N ASN K 36 -21.75 23.66 33.79
CA ASN K 36 -20.43 23.02 33.66
C ASN K 36 -19.40 23.67 34.60
N THR K 37 -19.71 23.65 35.89
CA THR K 37 -18.77 24.06 36.92
C THR K 37 -18.68 22.96 37.97
N VAL K 38 -17.45 22.58 38.32
CA VAL K 38 -17.23 21.45 39.21
C VAL K 38 -16.67 21.97 40.54
N GLY K 39 -17.05 21.28 41.61
CA GLY K 39 -16.47 21.55 42.91
C GLY K 39 -15.97 20.28 43.58
N SER K 40 -14.68 20.18 43.80
CA SER K 40 -14.08 18.99 44.38
C SER K 40 -13.83 19.18 45.87
N GLU K 41 -14.07 18.13 46.64
CA GLU K 41 -13.81 18.16 48.08
C GLU K 41 -13.52 16.75 48.56
N ASN K 42 -12.29 16.53 48.97
CA ASN K 42 -11.79 15.22 49.40
C ASN K 42 -12.18 14.94 50.84
N PRO K 43 -12.74 13.77 51.13
CA PRO K 43 -13.05 13.40 52.51
C PRO K 43 -11.79 12.97 53.25
N ASP K 44 -11.91 12.91 54.59
CA ASP K 44 -10.78 12.57 55.44
C ASP K 44 -10.51 11.07 55.40
N GLU K 45 -9.55 10.61 56.20
CA GLU K 45 -9.18 9.19 56.21
C GLU K 45 -10.27 8.31 56.81
N ALA K 46 -11.21 8.89 57.53
CA ALA K 46 -12.30 8.13 58.12
C ALA K 46 -13.54 8.11 57.23
N GLY K 47 -13.48 8.72 56.06
CA GLY K 47 -14.59 8.69 55.13
C GLY K 47 -15.67 9.73 55.39
N ARG K 48 -15.40 10.73 56.23
CA ARG K 48 -16.39 11.75 56.52
C ARG K 48 -16.37 12.83 55.45
N TYR K 49 -17.54 13.15 54.92
CA TYR K 49 -17.67 14.18 53.91
C TYR K 49 -18.82 15.12 54.28
N SER K 50 -18.72 16.36 53.80
CA SER K 50 -19.71 17.40 54.07
C SER K 50 -19.58 18.52 53.04
N MET K 51 -20.70 18.86 52.41
CA MET K 51 -20.77 19.98 51.47
C MET K 51 -21.89 20.93 51.84
N ASP K 52 -21.92 22.04 51.12
CA ASP K 52 -22.82 23.19 51.32
C ASP K 52 -23.55 23.46 50.02
N VAL K 53 -24.19 22.42 49.48
CA VAL K 53 -24.65 22.43 48.10
C VAL K 53 -25.68 23.54 47.87
N GLU K 54 -25.52 24.27 46.77
CA GLU K 54 -26.56 25.17 46.30
C GLU K 54 -27.61 24.42 45.48
N TYR K 55 -28.85 24.86 45.59
CA TYR K 55 -29.96 24.15 44.99
C TYR K 55 -29.84 24.14 43.47
N GLY K 56 -30.41 23.09 42.86
CA GLY K 56 -30.33 22.93 41.42
C GLY K 56 -30.17 21.48 41.05
N GLN K 57 -29.64 21.23 39.85
CA GLN K 57 -29.43 19.88 39.34
C GLN K 57 -27.94 19.64 39.15
N TYR K 58 -27.46 18.48 39.57
CA TYR K 58 -26.04 18.17 39.52
C TYR K 58 -25.85 16.71 39.12
N SER K 59 -24.67 16.43 38.55
CA SER K 59 -24.22 15.08 38.28
C SER K 59 -23.05 14.78 39.22
N VAL K 60 -23.11 13.64 39.88
CA VAL K 60 -22.12 13.31 40.91
C VAL K 60 -21.05 12.42 40.30
N ILE K 61 -19.79 12.78 40.50
CA ILE K 61 -18.65 12.02 40.01
C ILE K 61 -17.81 11.61 41.21
N LEU K 62 -17.47 10.34 41.28
CA LEU K 62 -16.68 9.82 42.39
C LEU K 62 -15.37 9.28 41.84
N GLN K 63 -14.29 10.05 41.99
CA GLN K 63 -12.99 9.75 41.40
C GLN K 63 -12.07 9.23 42.50
N VAL K 64 -11.53 8.03 42.31
CA VAL K 64 -10.85 7.32 43.39
C VAL K 64 -9.47 6.84 42.96
N ASP K 65 -8.83 7.56 42.03
CA ASP K 65 -7.50 7.24 41.52
C ASP K 65 -7.33 5.75 41.26
N GLY K 66 -8.07 5.25 40.27
CA GLY K 66 -8.30 3.84 40.07
C GLY K 66 -9.31 3.71 38.95
N PHE K 67 -10.40 2.99 39.20
CA PHE K 67 -11.53 2.99 38.27
C PHE K 67 -11.83 4.39 37.78
N PRO K 68 -12.13 4.56 36.50
CA PRO K 68 -12.47 5.89 35.97
C PRO K 68 -13.64 6.50 36.73
N PRO K 69 -13.91 7.79 36.52
CA PRO K 69 -15.02 8.42 37.24
C PRO K 69 -16.31 7.63 37.12
N SER K 70 -17.00 7.49 38.25
CA SER K 70 -18.19 6.65 38.35
C SER K 70 -19.41 7.55 38.43
N HIS K 71 -20.18 7.60 37.35
CA HIS K 71 -21.36 8.45 37.28
C HIS K 71 -22.44 7.83 38.16
N ALA K 72 -22.41 8.20 39.44
CA ALA K 72 -23.32 7.61 40.41
C ALA K 72 -24.78 8.01 40.22
N GLY K 73 -25.04 9.07 39.47
CA GLY K 73 -26.41 9.51 39.24
C GLY K 73 -26.66 10.98 39.49
N THR K 74 -27.71 11.52 38.88
CA THR K 74 -28.03 12.93 39.03
C THR K 74 -28.75 13.18 40.36
N ILE K 75 -28.30 14.20 41.08
CA ILE K 75 -29.01 14.66 42.28
C ILE K 75 -29.71 15.97 41.95
N THR K 76 -30.80 16.23 42.66
CA THR K 76 -31.54 17.47 42.51
C THR K 76 -31.91 18.01 43.87
N VAL K 77 -31.59 19.27 44.10
CA VAL K 77 -31.83 19.94 45.39
C VAL K 77 -32.89 21.01 45.12
N TYR K 78 -34.13 20.72 45.53
CA TYR K 78 -35.20 21.70 45.54
C TYR K 78 -35.02 22.67 46.70
N GLU K 79 -35.82 23.73 46.70
CA GLU K 79 -35.87 24.63 47.85
C GLU K 79 -37.02 24.26 48.80
N ASP K 80 -37.10 22.97 49.10
CA ASP K 80 -37.82 22.50 50.29
C ASP K 80 -37.14 21.31 50.92
N SER K 81 -35.91 20.97 50.50
CA SER K 81 -35.22 19.79 50.98
C SER K 81 -34.67 20.05 52.39
N GLN K 82 -34.24 18.99 53.06
CA GLN K 82 -33.69 19.05 54.40
C GLN K 82 -32.34 18.37 54.40
N PRO K 83 -31.43 18.77 55.30
CA PRO K 83 -30.07 18.21 55.26
C PRO K 83 -30.07 16.71 55.47
N GLY K 84 -29.17 16.04 54.76
CA GLY K 84 -29.07 14.61 54.82
C GLY K 84 -27.77 14.12 54.23
N THR K 85 -27.75 12.85 53.85
CA THR K 85 -26.57 12.26 53.24
C THR K 85 -26.73 12.22 51.72
N LEU K 86 -25.60 12.07 51.03
CA LEU K 86 -25.62 12.07 49.57
C LEU K 86 -26.33 10.84 49.03
N ASN K 87 -26.24 9.71 49.76
CA ASN K 87 -26.86 8.48 49.30
C ASN K 87 -28.37 8.60 49.18
N ASP K 88 -29.02 9.35 50.09
CA ASP K 88 -30.45 9.53 50.00
C ASP K 88 -30.82 10.28 48.72
N PHE K 89 -30.05 11.30 48.36
CA PHE K 89 -30.33 12.04 47.14
C PHE K 89 -30.18 11.15 45.92
N LEU K 90 -29.18 10.27 45.91
CA LEU K 90 -29.08 9.30 44.82
C LEU K 90 -30.29 8.39 44.79
N CYS K 91 -30.71 7.89 45.95
CA CYS K 91 -31.82 6.93 46.03
C CYS K 91 -33.18 7.60 46.06
N ALA K 92 -33.24 8.93 46.08
CA ALA K 92 -34.52 9.62 46.20
C ALA K 92 -35.39 9.36 44.98
N MET K 93 -36.70 9.36 45.20
CA MET K 93 -37.66 9.15 44.13
C MET K 93 -37.73 10.41 43.27
N THR K 94 -37.08 10.38 42.11
CA THR K 94 -37.04 11.53 41.22
C THR K 94 -38.36 11.67 40.47
N MET L 1 12.68 33.08 -54.87
CA MET L 1 12.94 34.39 -54.29
C MET L 1 12.42 34.46 -52.86
N ALA L 2 13.05 35.30 -52.04
CA ALA L 2 12.71 35.44 -50.63
C ALA L 2 12.09 36.82 -50.42
N VAL L 3 10.89 36.84 -49.85
CA VAL L 3 10.25 38.10 -49.49
C VAL L 3 10.94 38.70 -48.29
N LYS L 4 11.15 40.01 -48.33
CA LYS L 4 11.82 40.72 -47.25
C LYS L 4 10.79 41.18 -46.22
N ILE L 5 10.85 40.64 -45.02
CA ILE L 5 9.95 40.99 -43.93
C ILE L 5 10.74 41.89 -42.97
N SER L 6 10.33 43.15 -42.87
CA SER L 6 11.05 44.11 -42.05
C SER L 6 10.05 44.89 -41.20
N GLY L 7 10.50 45.28 -40.01
CA GLY L 7 9.64 46.05 -39.14
C GLY L 7 10.30 46.30 -37.80
N VAL L 8 9.51 46.85 -36.88
CA VAL L 8 9.93 47.10 -35.51
C VAL L 8 8.95 46.39 -34.59
N LEU L 9 9.43 45.95 -33.44
CA LEU L 9 8.66 45.11 -32.53
C LEU L 9 8.42 45.87 -31.23
N LYS L 10 7.16 46.22 -30.97
CA LYS L 10 6.79 47.01 -29.80
C LYS L 10 5.76 46.26 -28.97
N ASP L 11 5.81 46.50 -27.67
CA ASP L 11 4.83 45.92 -26.75
C ASP L 11 3.62 46.84 -26.67
N GLY L 12 2.72 46.56 -25.72
CA GLY L 12 1.47 47.29 -25.64
C GLY L 12 1.61 48.74 -25.23
N THR L 13 2.71 49.09 -24.54
CA THR L 13 2.91 50.44 -24.05
C THR L 13 3.83 51.26 -24.93
N GLY L 14 3.95 50.91 -26.21
CA GLY L 14 4.71 51.72 -27.15
C GLY L 14 6.19 51.80 -26.87
N LYS L 15 6.80 50.70 -26.48
CA LYS L 15 8.24 50.62 -26.26
C LYS L 15 8.79 49.38 -26.93
N PRO L 16 10.06 49.39 -27.33
CA PRO L 16 10.66 48.19 -27.91
C PRO L 16 10.79 47.08 -26.88
N VAL L 17 10.69 45.85 -27.36
CA VAL L 17 10.82 44.66 -26.52
C VAL L 17 12.14 43.99 -26.82
N GLN L 18 12.95 43.80 -25.79
CA GLN L 18 14.31 43.29 -25.92
C GLN L 18 14.36 41.82 -25.55
N ASN L 19 15.49 41.19 -25.89
CA ASN L 19 15.78 39.79 -25.61
C ASN L 19 14.85 38.84 -26.36
N CYS L 20 14.18 39.32 -27.40
CA CYS L 20 13.22 38.50 -28.13
C CYS L 20 13.92 37.49 -29.01
N THR L 21 13.12 36.63 -29.65
CA THR L 21 13.60 35.68 -30.65
C THR L 21 12.40 35.24 -31.47
N ILE L 22 12.42 35.54 -32.76
CA ILE L 22 11.36 35.14 -33.68
C ILE L 22 11.79 33.86 -34.37
N GLN L 23 10.93 32.84 -34.31
CA GLN L 23 11.18 31.55 -34.91
C GLN L 23 10.09 31.21 -35.91
N LEU L 24 10.49 30.63 -37.03
CA LEU L 24 9.57 30.24 -38.10
C LEU L 24 9.61 28.74 -38.25
N LYS L 25 8.54 28.07 -37.80
CA LYS L 25 8.44 26.62 -37.86
C LYS L 25 7.65 26.23 -39.10
N ALA L 26 8.32 25.58 -40.05
CA ALA L 26 7.65 25.20 -41.30
C ALA L 26 6.69 24.04 -41.05
N ARG L 27 5.53 24.09 -41.72
CA ARG L 27 4.52 23.05 -41.55
C ARG L 27 4.33 22.16 -42.77
N ARG L 28 4.63 22.65 -43.96
CA ARG L 28 4.47 21.85 -45.17
C ARG L 28 5.74 21.94 -46.00
N ASN L 29 5.99 20.88 -46.76
CA ASN L 29 7.17 20.83 -47.61
C ASN L 29 7.05 21.83 -48.74
N SER L 30 8.08 22.65 -48.92
CA SER L 30 8.14 23.60 -50.01
C SER L 30 9.24 23.16 -50.97
N THR L 31 9.43 23.94 -52.04
CA THR L 31 10.47 23.61 -53.01
C THR L 31 11.85 23.85 -52.43
N THR L 32 11.96 24.59 -51.33
CA THR L 32 13.28 24.93 -50.79
C THR L 32 13.35 24.84 -49.27
N VAL L 33 12.31 24.35 -48.59
CA VAL L 33 12.34 24.23 -47.14
C VAL L 33 11.74 22.89 -46.74
N VAL L 34 12.41 22.17 -45.85
CA VAL L 34 11.97 20.87 -45.39
C VAL L 34 11.16 21.04 -44.11
N VAL L 35 10.18 20.15 -43.91
CA VAL L 35 9.22 20.31 -42.82
C VAL L 35 9.92 20.23 -41.46
N ASN L 36 9.43 21.05 -40.52
CA ASN L 36 9.98 21.14 -39.16
C ASN L 36 11.43 21.59 -39.16
N THR L 37 11.67 22.74 -39.77
CA THR L 37 12.97 23.40 -39.72
C THR L 37 12.77 24.84 -39.23
N VAL L 38 13.53 25.23 -38.22
CA VAL L 38 13.33 26.53 -37.58
C VAL L 38 14.50 27.44 -37.91
N GLY L 39 14.17 28.71 -38.12
CA GLY L 39 15.19 29.73 -38.31
C GLY L 39 14.97 30.92 -37.40
N SER L 40 15.90 31.16 -36.50
CA SER L 40 15.76 32.23 -35.51
C SER L 40 16.23 33.55 -36.10
N GLU L 41 15.85 34.63 -35.42
CA GLU L 41 16.30 35.98 -35.79
C GLU L 41 16.19 36.87 -34.57
N ASN L 42 17.33 37.26 -34.00
CA ASN L 42 17.34 38.10 -32.81
C ASN L 42 17.32 39.56 -33.23
N PRO L 43 16.31 40.33 -32.82
CA PRO L 43 16.28 41.76 -33.15
C PRO L 43 17.25 42.54 -32.28
N ASP L 44 17.52 43.77 -32.70
CA ASP L 44 18.47 44.63 -32.00
C ASP L 44 17.80 45.26 -30.78
N GLU L 45 18.52 46.16 -30.10
CA GLU L 45 17.99 46.78 -28.89
C GLU L 45 16.86 47.76 -29.19
N ALA L 46 16.69 48.16 -30.45
CA ALA L 46 15.61 49.06 -30.82
C ALA L 46 14.38 48.32 -31.34
N GLY L 47 14.39 46.99 -31.31
CA GLY L 47 13.26 46.21 -31.76
C GLY L 47 13.15 46.04 -33.26
N ARG L 48 14.21 46.33 -34.02
CA ARG L 48 14.15 46.23 -35.46
C ARG L 48 14.50 44.83 -35.92
N TYR L 49 13.71 44.30 -36.85
CA TYR L 49 13.96 42.99 -37.43
C TYR L 49 13.81 43.06 -38.95
N SER L 50 14.60 42.25 -39.66
CA SER L 50 14.53 42.17 -41.10
C SER L 50 15.03 40.78 -41.52
N MET L 51 14.15 40.01 -42.15
CA MET L 51 14.45 38.63 -42.51
C MET L 51 14.08 38.40 -43.97
N ASP L 52 14.63 37.34 -44.55
CA ASP L 52 14.32 36.91 -45.91
C ASP L 52 13.62 35.56 -45.82
N VAL L 53 12.35 35.52 -46.22
CA VAL L 53 11.50 34.35 -46.02
C VAL L 53 11.22 33.71 -47.37
N GLU L 54 11.52 32.43 -47.49
CA GLU L 54 11.12 31.66 -48.66
C GLU L 54 9.65 31.31 -48.58
N TYR L 55 8.97 31.41 -49.72
CA TYR L 55 7.52 31.29 -49.74
C TYR L 55 7.08 29.90 -49.30
N GLY L 56 5.92 29.86 -48.65
CA GLY L 56 5.39 28.64 -48.06
C GLY L 56 4.49 28.97 -46.88
N GLN L 57 4.33 27.99 -46.00
CA GLN L 57 3.49 28.15 -44.81
C GLN L 57 4.35 27.97 -43.55
N TYR L 58 4.24 28.92 -42.62
CA TYR L 58 5.04 28.90 -41.41
C TYR L 58 4.17 29.22 -40.21
N SER L 59 4.61 28.75 -39.04
CA SER L 59 4.02 29.10 -37.76
C SER L 59 5.02 29.92 -36.99
N VAL L 60 4.58 31.04 -36.41
CA VAL L 60 5.48 32.00 -35.80
C VAL L 60 5.53 31.77 -34.30
N ILE L 61 6.74 31.71 -33.75
CA ILE L 61 6.95 31.52 -32.32
C ILE L 61 7.76 32.71 -31.82
N LEU L 62 7.36 33.26 -30.68
CA LEU L 62 7.99 34.46 -30.12
C LEU L 62 8.51 34.11 -28.73
N GLN L 63 9.81 33.86 -28.63
CA GLN L 63 10.44 33.43 -27.38
C GLN L 63 11.16 34.61 -26.74
N VAL L 64 10.78 34.96 -25.51
CA VAL L 64 11.21 36.22 -24.92
C VAL L 64 11.79 35.98 -23.53
N ASP L 65 12.35 34.78 -23.30
CA ASP L 65 12.94 34.37 -22.01
C ASP L 65 12.08 34.84 -20.83
N GLY L 66 10.86 34.31 -20.82
CA GLY L 66 9.79 34.80 -19.97
C GLY L 66 8.63 33.86 -20.16
N PHE L 67 7.44 34.39 -20.44
CA PHE L 67 6.32 33.56 -20.88
C PHE L 67 6.79 32.52 -21.89
N PRO L 68 6.30 31.29 -21.79
CA PRO L 68 6.66 30.25 -22.77
C PRO L 68 6.41 30.71 -24.20
N PRO L 69 6.93 29.98 -25.18
CA PRO L 69 6.77 30.41 -26.58
C PRO L 69 5.31 30.71 -26.92
N SER L 70 5.10 31.80 -27.65
CA SER L 70 3.78 32.33 -27.93
C SER L 70 3.41 32.04 -29.38
N HIS L 71 2.30 31.36 -29.59
CA HIS L 71 1.82 31.03 -30.92
C HIS L 71 1.17 32.28 -31.52
N ALA L 72 1.99 33.13 -32.13
CA ALA L 72 1.46 34.31 -32.79
C ALA L 72 0.55 33.95 -33.95
N GLY L 73 0.76 32.81 -34.60
CA GLY L 73 -0.12 32.38 -35.67
C GLY L 73 0.58 31.88 -36.92
N THR L 74 -0.21 31.58 -37.95
CA THR L 74 0.30 31.06 -39.21
C THR L 74 0.42 32.17 -40.23
N ILE L 75 1.54 32.19 -40.94
CA ILE L 75 1.77 33.12 -42.04
C ILE L 75 1.98 32.32 -43.32
N THR L 76 1.26 32.69 -44.36
CA THR L 76 1.39 32.08 -45.68
C THR L 76 1.96 33.09 -46.66
N VAL L 77 3.00 32.71 -47.37
CA VAL L 77 3.64 33.55 -48.37
C VAL L 77 3.50 32.84 -49.70
N TYR L 78 2.67 33.39 -50.58
CA TYR L 78 2.57 32.90 -51.94
C TYR L 78 3.55 33.66 -52.83
N GLU L 79 3.51 33.40 -54.12
CA GLU L 79 4.34 34.17 -55.07
C GLU L 79 3.58 35.37 -55.61
N ASP L 80 2.98 36.13 -54.69
CA ASP L 80 2.40 37.43 -55.01
C ASP L 80 2.63 38.46 -53.92
N SER L 81 3.13 38.07 -52.75
CA SER L 81 3.23 38.96 -51.62
C SER L 81 4.32 40.01 -51.85
N GLN L 82 4.12 41.17 -51.25
CA GLN L 82 5.04 42.29 -51.29
C GLN L 82 5.66 42.50 -49.91
N PRO L 83 6.87 43.06 -49.84
CA PRO L 83 7.54 43.18 -48.54
C PRO L 83 6.75 44.05 -47.59
N GLY L 84 6.76 43.65 -46.32
CA GLY L 84 6.00 44.35 -45.31
C GLY L 84 6.34 43.84 -43.93
N THR L 85 5.66 44.39 -42.93
CA THR L 85 5.91 44.01 -41.56
C THR L 85 5.32 42.64 -41.26
N LEU L 86 5.83 42.01 -40.21
CA LEU L 86 5.36 40.68 -39.83
C LEU L 86 3.91 40.74 -39.35
N ASN L 87 3.52 41.84 -38.73
CA ASN L 87 2.17 41.96 -38.19
C ASN L 87 1.10 41.89 -39.27
N ASP L 88 1.37 42.41 -40.46
CA ASP L 88 0.38 42.36 -41.53
C ASP L 88 0.09 40.92 -41.94
N PHE L 89 1.12 40.09 -42.03
CA PHE L 89 0.90 38.69 -42.40
C PHE L 89 0.06 37.97 -41.36
N LEU L 90 0.29 38.24 -40.07
CA LEU L 90 -0.56 37.66 -39.04
C LEU L 90 -1.99 38.17 -39.18
N CYS L 91 -2.16 39.47 -39.41
CA CYS L 91 -3.49 40.07 -39.50
C CYS L 91 -4.13 39.89 -40.88
N ALA L 92 -3.40 39.35 -41.85
CA ALA L 92 -3.92 39.24 -43.20
C ALA L 92 -5.11 38.27 -43.25
N MET L 93 -6.00 38.53 -44.20
CA MET L 93 -7.16 37.66 -44.40
C MET L 93 -6.70 36.36 -45.02
N THR L 94 -6.92 35.26 -44.31
CA THR L 94 -6.49 33.94 -44.78
C THR L 94 -7.64 33.21 -45.47
#